data_1T4S
#
_entry.id   1T4S
#
_cell.length_a   87.800
_cell.length_b   87.800
_cell.length_c   110.500
_cell.angle_alpha   90.00
_cell.angle_beta   90.00
_cell.angle_gamma   120.00
#
_symmetry.space_group_name_H-M   'P 32'
#
loop_
_entity.id
_entity.type
_entity.pdbx_description
1 polymer 'Arginase 1'
2 non-polymer 'MANGANESE (II) ION'
3 non-polymer VALINE
4 water water
#
_entity_poly.entity_id   1
_entity_poly.type   'polypeptide(L)'
_entity_poly.pdbx_seq_one_letter_code
;KPIEIIGAPFSKGQPRGGVEKGPAALRKAGLVEKLKETEYNVRDHGDLAFVDVPNDSPFQIVKNPRSVGKANEQLAAVVA
ETQKNGTISVVLGGDHSMAIGSISGHARVHPDLCVIWVDAHTDINTPLTTSSGNLHGQPVAFLLKELKGKFPDVPGFSWV
TPCISAKDIVYIGLRDVDPGEHYIIKTLGIKYFSMTEVDKLGIGKVMEETFSYLLGRKKRPIHLSFDVDGLDPVFTPATG
TPVVGGLSYREGLYITEEIYKTGLLSGLDIMEVNPTLGKTPEEVTRTVNTAVALTLSCFGTKREGNHKPETDYL
;
_entity_poly.pdbx_strand_id   A,B,C
#
loop_
_chem_comp.id
_chem_comp.type
_chem_comp.name
_chem_comp.formula
MN non-polymer 'MANGANESE (II) ION' 'Mn 2'
#
# COMPACT_ATOMS: atom_id res chain seq x y z
N LYS A 1 8.82 -34.26 0.81
CA LYS A 1 7.34 -34.31 0.63
C LYS A 1 6.93 -34.21 -0.84
N PRO A 2 5.77 -34.79 -1.20
CA PRO A 2 5.30 -34.75 -2.58
C PRO A 2 4.15 -33.79 -2.81
N ILE A 3 4.08 -33.28 -4.03
CA ILE A 3 3.04 -32.33 -4.41
C ILE A 3 2.29 -32.85 -5.62
N GLU A 4 0.96 -32.77 -5.58
CA GLU A 4 0.17 -33.22 -6.72
C GLU A 4 -0.74 -32.12 -7.23
N ILE A 5 -0.40 -31.59 -8.41
CA ILE A 5 -1.19 -30.56 -9.07
C ILE A 5 -2.40 -31.22 -9.69
N ILE A 6 -3.55 -30.58 -9.54
CA ILE A 6 -4.79 -31.11 -10.08
C ILE A 6 -5.58 -29.99 -10.68
N GLY A 7 -5.76 -30.02 -12.00
CA GLY A 7 -6.52 -28.98 -12.63
C GLY A 7 -8.00 -29.25 -12.43
N ALA A 8 -8.78 -28.18 -12.24
CA ALA A 8 -10.22 -28.32 -12.06
C ALA A 8 -10.94 -27.33 -12.99
N PRO A 9 -10.67 -27.41 -14.30
CA PRO A 9 -11.27 -26.52 -15.32
C PRO A 9 -12.78 -26.46 -15.28
N PHE A 10 -13.32 -25.93 -14.19
CA PHE A 10 -14.76 -25.83 -14.03
C PHE A 10 -15.20 -24.37 -14.01
N SER A 11 -16.45 -24.11 -14.36
CA SER A 11 -16.94 -22.74 -14.39
C SER A 11 -18.43 -22.58 -14.17
N LYS A 12 -19.16 -23.68 -14.06
CA LYS A 12 -20.59 -23.59 -13.84
C LYS A 12 -20.94 -23.02 -12.47
N GLY A 13 -19.94 -22.82 -11.63
CA GLY A 13 -20.18 -22.27 -10.31
C GLY A 13 -20.63 -20.82 -10.37
N GLN A 14 -20.34 -20.16 -11.48
CA GLN A 14 -20.70 -18.76 -11.67
C GLN A 14 -21.02 -18.46 -13.14
N PRO A 15 -21.61 -17.29 -13.44
CA PRO A 15 -22.03 -16.84 -14.78
C PRO A 15 -21.06 -16.25 -15.83
N ARG A 16 -19.77 -16.09 -15.51
CA ARG A 16 -18.83 -15.54 -16.50
C ARG A 16 -17.92 -16.63 -17.06
N GLY A 17 -17.89 -16.77 -18.38
CA GLY A 17 -17.06 -17.78 -19.01
C GLY A 17 -15.57 -17.44 -19.00
N GLY A 18 -14.73 -18.45 -18.82
CA GLY A 18 -13.30 -18.20 -18.80
C GLY A 18 -12.52 -18.89 -17.70
N VAL A 19 -13.07 -18.90 -16.48
CA VAL A 19 -12.38 -19.53 -15.35
C VAL A 19 -11.88 -20.97 -15.59
N GLU A 20 -12.53 -21.70 -16.50
CA GLU A 20 -12.12 -23.07 -16.78
C GLU A 20 -10.71 -23.04 -17.34
N LYS A 21 -10.39 -21.98 -18.10
CA LYS A 21 -9.07 -21.80 -18.71
C LYS A 21 -7.99 -21.47 -17.68
N GLY A 22 -8.40 -21.28 -16.43
CA GLY A 22 -7.47 -20.96 -15.37
C GLY A 22 -6.25 -21.87 -15.30
N PRO A 23 -6.45 -23.18 -15.06
CA PRO A 23 -5.34 -24.14 -14.97
C PRO A 23 -4.36 -24.04 -16.14
N ALA A 24 -4.90 -23.96 -17.35
CA ALA A 24 -4.08 -23.83 -18.56
C ALA A 24 -3.17 -22.64 -18.40
N ALA A 25 -3.78 -21.50 -18.12
CA ALA A 25 -3.05 -20.26 -17.92
C ALA A 25 -1.94 -20.41 -16.89
N LEU A 26 -2.27 -20.98 -15.73
CA LEU A 26 -1.28 -21.14 -14.67
C LEU A 26 -0.13 -22.05 -15.09
N ARG A 27 -0.48 -23.16 -15.74
CA ARG A 27 0.53 -24.10 -16.21
C ARG A 27 1.40 -23.41 -17.23
N LYS A 28 0.75 -22.74 -18.20
CA LYS A 28 1.44 -22.03 -19.26
C LYS A 28 2.44 -21.03 -18.67
N ALA A 29 2.16 -20.56 -17.45
CA ALA A 29 3.04 -19.60 -16.78
C ALA A 29 4.22 -20.34 -16.15
N GLY A 30 4.26 -21.65 -16.36
CA GLY A 30 5.35 -22.43 -15.83
C GLY A 30 5.21 -22.72 -14.35
N LEU A 31 3.99 -22.99 -13.89
CA LEU A 31 3.77 -23.29 -12.48
C LEU A 31 4.47 -24.58 -12.09
N VAL A 32 4.15 -25.64 -12.83
CA VAL A 32 4.73 -26.95 -12.59
C VAL A 32 6.27 -26.88 -12.55
N GLU A 33 6.86 -26.46 -13.67
CA GLU A 33 8.31 -26.34 -13.78
C GLU A 33 8.89 -25.64 -12.55
N LYS A 34 8.41 -24.43 -12.28
CA LYS A 34 8.89 -23.65 -11.14
C LYS A 34 8.75 -24.45 -9.86
N LEU A 35 7.58 -25.04 -9.65
CA LEU A 35 7.36 -25.83 -8.46
C LEU A 35 8.45 -26.89 -8.33
N LYS A 36 8.77 -27.55 -9.44
CA LYS A 36 9.80 -28.57 -9.42
C LYS A 36 11.10 -28.01 -8.87
N GLU A 37 11.44 -26.79 -9.26
CA GLU A 37 12.66 -26.16 -8.78
C GLU A 37 12.69 -26.08 -7.25
N THR A 38 11.55 -26.39 -6.61
CA THR A 38 11.49 -26.31 -5.15
C THR A 38 12.02 -27.59 -4.52
N GLU A 39 12.17 -27.55 -3.21
CA GLU A 39 12.66 -28.68 -2.46
C GLU A 39 11.60 -29.81 -2.45
N TYR A 40 10.50 -29.59 -3.16
CA TYR A 40 9.42 -30.57 -3.23
C TYR A 40 9.39 -31.41 -4.51
N ASN A 41 8.84 -32.60 -4.36
CA ASN A 41 8.69 -33.52 -5.46
C ASN A 41 7.31 -33.23 -6.00
N VAL A 42 7.24 -32.96 -7.30
CA VAL A 42 5.98 -32.61 -7.92
C VAL A 42 5.53 -33.58 -9.01
N ARG A 43 4.21 -33.72 -9.11
CA ARG A 43 3.59 -34.57 -10.11
C ARG A 43 2.30 -33.90 -10.55
N ASP A 44 2.18 -33.65 -11.84
CA ASP A 44 0.98 -33.03 -12.38
C ASP A 44 0.00 -34.16 -12.63
N HIS A 45 -1.21 -34.05 -12.11
CA HIS A 45 -2.21 -35.09 -12.28
C HIS A 45 -3.15 -34.69 -13.43
N GLY A 46 -2.76 -33.69 -14.20
CA GLY A 46 -3.56 -33.24 -15.33
C GLY A 46 -4.88 -32.61 -14.94
N ASP A 47 -5.63 -32.14 -15.93
CA ASP A 47 -6.92 -31.51 -15.68
C ASP A 47 -8.08 -32.49 -15.74
N LEU A 48 -8.81 -32.63 -14.64
CA LEU A 48 -9.95 -33.54 -14.63
C LEU A 48 -10.91 -33.15 -15.76
N ALA A 49 -11.67 -34.14 -16.24
CA ALA A 49 -12.63 -33.89 -17.30
C ALA A 49 -14.00 -33.98 -16.64
N PHE A 50 -14.75 -32.90 -16.70
CA PHE A 50 -16.07 -32.88 -16.09
C PHE A 50 -17.18 -33.18 -17.08
N VAL A 51 -17.93 -34.23 -16.78
CA VAL A 51 -19.06 -34.64 -17.61
C VAL A 51 -20.21 -33.67 -17.34
N ASP A 52 -20.75 -33.09 -18.40
CA ASP A 52 -21.83 -32.12 -18.25
C ASP A 52 -23.20 -32.78 -18.13
N VAL A 53 -23.86 -32.54 -17.00
CA VAL A 53 -25.18 -33.11 -16.74
C VAL A 53 -26.28 -32.44 -17.57
N PRO A 54 -26.73 -33.12 -18.65
CA PRO A 54 -27.77 -32.58 -19.53
C PRO A 54 -29.07 -32.25 -18.79
N ASN A 55 -29.71 -31.17 -19.24
CA ASN A 55 -30.96 -30.73 -18.63
C ASN A 55 -30.78 -30.55 -17.13
N ASP A 56 -29.84 -29.66 -16.78
CA ASP A 56 -29.53 -29.34 -15.39
C ASP A 56 -30.44 -28.16 -15.03
N SER A 57 -31.62 -28.46 -14.53
CA SER A 57 -32.59 -27.44 -14.17
C SER A 57 -32.23 -26.70 -12.88
N PRO A 58 -32.51 -25.38 -12.82
CA PRO A 58 -32.23 -24.53 -11.66
C PRO A 58 -33.04 -24.84 -10.41
N PHE A 59 -32.41 -25.52 -9.45
CA PHE A 59 -33.07 -25.86 -8.18
C PHE A 59 -33.51 -24.53 -7.55
N GLN A 60 -34.79 -24.19 -7.71
CA GLN A 60 -35.29 -22.92 -7.19
C GLN A 60 -34.44 -21.84 -7.86
N ILE A 61 -33.54 -21.23 -7.08
CA ILE A 61 -32.66 -20.18 -7.59
C ILE A 61 -31.29 -20.72 -8.03
N VAL A 62 -30.69 -21.59 -7.22
CA VAL A 62 -29.39 -22.17 -7.53
C VAL A 62 -29.34 -22.64 -8.98
N LYS A 63 -28.24 -22.35 -9.66
CA LYS A 63 -28.10 -22.74 -11.05
C LYS A 63 -27.09 -23.88 -11.20
N ASN A 64 -27.28 -24.72 -12.24
CA ASN A 64 -26.40 -25.86 -12.52
C ASN A 64 -25.97 -26.65 -11.27
N PRO A 65 -26.94 -27.00 -10.41
CA PRO A 65 -26.60 -27.75 -9.20
C PRO A 65 -25.99 -29.13 -9.44
N ARG A 66 -26.58 -29.88 -10.36
CA ARG A 66 -26.12 -31.23 -10.67
C ARG A 66 -24.73 -31.26 -11.31
N SER A 67 -24.48 -30.31 -12.22
CA SER A 67 -23.19 -30.23 -12.90
C SER A 67 -22.10 -29.99 -11.84
N VAL A 68 -22.38 -29.03 -10.96
CA VAL A 68 -21.47 -28.65 -9.88
C VAL A 68 -21.23 -29.77 -8.85
N GLY A 69 -22.32 -30.39 -8.41
CA GLY A 69 -22.22 -31.46 -7.43
C GLY A 69 -21.43 -32.66 -7.95
N LYS A 70 -21.65 -32.99 -9.23
CA LYS A 70 -20.96 -34.12 -9.84
C LYS A 70 -19.48 -33.84 -10.05
N ALA A 71 -19.19 -32.64 -10.55
CA ALA A 71 -17.82 -32.24 -10.79
C ALA A 71 -17.07 -32.28 -9.48
N ASN A 72 -17.70 -31.79 -8.43
CA ASN A 72 -17.08 -31.80 -7.11
C ASN A 72 -16.93 -33.21 -6.56
N GLU A 73 -17.98 -34.02 -6.72
CA GLU A 73 -17.90 -35.40 -6.24
C GLU A 73 -16.73 -36.12 -6.90
N GLN A 74 -16.46 -35.74 -8.15
CA GLN A 74 -15.37 -36.32 -8.93
C GLN A 74 -14.01 -35.85 -8.39
N LEU A 75 -13.98 -34.61 -7.92
CA LEU A 75 -12.76 -34.00 -7.38
C LEU A 75 -12.46 -34.54 -5.99
N ALA A 76 -13.43 -34.42 -5.08
CA ALA A 76 -13.26 -34.91 -3.71
C ALA A 76 -12.66 -36.30 -3.76
N ALA A 77 -13.05 -37.05 -4.78
CA ALA A 77 -12.57 -38.40 -5.00
C ALA A 77 -11.07 -38.34 -5.33
N VAL A 78 -10.75 -37.65 -6.42
CA VAL A 78 -9.36 -37.51 -6.85
C VAL A 78 -8.46 -36.98 -5.74
N VAL A 79 -8.98 -36.02 -4.98
CA VAL A 79 -8.24 -35.41 -3.88
C VAL A 79 -7.97 -36.41 -2.75
N ALA A 80 -9.06 -36.99 -2.23
CA ALA A 80 -8.98 -37.97 -1.14
C ALA A 80 -7.94 -39.04 -1.47
N GLU A 81 -7.89 -39.42 -2.74
CA GLU A 81 -6.97 -40.44 -3.25
C GLU A 81 -5.50 -40.05 -3.04
N THR A 82 -5.14 -38.84 -3.46
CA THR A 82 -3.78 -38.35 -3.31
C THR A 82 -3.42 -38.06 -1.86
N GLN A 83 -4.37 -37.51 -1.11
CA GLN A 83 -4.14 -37.23 0.30
C GLN A 83 -3.80 -38.54 1.02
N LYS A 84 -4.56 -39.58 0.68
CA LYS A 84 -4.37 -40.92 1.23
C LYS A 84 -2.90 -41.30 1.14
N ASN A 85 -2.36 -41.17 -0.08
CA ASN A 85 -0.96 -41.49 -0.37
C ASN A 85 0.04 -40.64 0.40
N GLY A 86 -0.46 -39.61 1.08
CA GLY A 86 0.42 -38.74 1.85
C GLY A 86 1.11 -37.65 1.04
N THR A 87 0.45 -37.18 -0.02
CA THR A 87 1.01 -36.12 -0.88
C THR A 87 0.17 -34.83 -0.72
N ILE A 88 0.79 -33.65 -0.91
CA ILE A 88 0.06 -32.37 -0.78
C ILE A 88 -0.69 -32.03 -2.05
N SER A 89 -2.00 -31.87 -1.90
CA SER A 89 -2.86 -31.54 -3.04
C SER A 89 -2.88 -30.04 -3.33
N VAL A 90 -2.78 -29.71 -4.62
CA VAL A 90 -2.78 -28.34 -5.09
C VAL A 90 -3.81 -28.26 -6.19
N VAL A 91 -5.01 -27.79 -5.89
CA VAL A 91 -6.03 -27.70 -6.92
C VAL A 91 -6.00 -26.37 -7.67
N LEU A 92 -5.69 -26.44 -8.96
CA LEU A 92 -5.69 -25.25 -9.80
C LEU A 92 -7.08 -25.31 -10.36
N GLY A 93 -7.88 -24.28 -10.17
CA GLY A 93 -9.20 -24.42 -10.70
C GLY A 93 -9.80 -23.27 -11.45
N GLY A 94 -11.11 -23.40 -11.61
CA GLY A 94 -11.89 -22.40 -12.28
C GLY A 94 -12.47 -21.62 -11.11
N ASP A 95 -13.76 -21.76 -10.87
CA ASP A 95 -14.37 -21.00 -9.79
C ASP A 95 -14.21 -21.66 -8.42
N HIS A 96 -14.44 -20.85 -7.41
CA HIS A 96 -14.29 -21.26 -6.04
C HIS A 96 -15.27 -22.33 -5.53
N SER A 97 -16.26 -22.68 -6.35
CA SER A 97 -17.25 -23.70 -5.94
C SER A 97 -16.62 -25.07 -5.80
N MET A 98 -15.52 -25.28 -6.52
CA MET A 98 -14.80 -26.54 -6.50
C MET A 98 -14.12 -26.76 -5.15
N ALA A 99 -14.20 -25.76 -4.28
CA ALA A 99 -13.62 -25.83 -2.94
C ALA A 99 -14.37 -26.94 -2.22
N ILE A 100 -15.68 -27.03 -2.49
CA ILE A 100 -16.51 -28.05 -1.87
C ILE A 100 -15.77 -29.37 -2.01
N GLY A 101 -15.58 -29.80 -3.26
CA GLY A 101 -14.87 -31.04 -3.51
C GLY A 101 -13.49 -31.10 -2.87
N SER A 102 -12.61 -30.16 -3.25
CA SER A 102 -11.24 -30.12 -2.73
C SER A 102 -11.15 -30.31 -1.22
N ILE A 103 -12.06 -29.69 -0.48
CA ILE A 103 -12.07 -29.80 0.97
C ILE A 103 -12.71 -31.11 1.45
N SER A 104 -13.87 -31.47 0.90
CA SER A 104 -14.51 -32.72 1.30
C SER A 104 -13.49 -33.86 1.20
N GLY A 105 -12.88 -34.01 0.02
CA GLY A 105 -11.88 -35.06 -0.19
C GLY A 105 -10.75 -35.01 0.81
N HIS A 106 -10.27 -33.81 1.12
CA HIS A 106 -9.18 -33.60 2.07
C HIS A 106 -9.60 -34.01 3.49
N ALA A 107 -10.83 -33.68 3.87
CA ALA A 107 -11.36 -34.01 5.19
C ALA A 107 -11.35 -35.51 5.42
N ARG A 108 -11.75 -36.24 4.37
CA ARG A 108 -11.80 -37.69 4.42
C ARG A 108 -10.53 -38.25 5.04
N VAL A 109 -9.38 -37.81 4.53
CA VAL A 109 -8.09 -38.30 5.04
C VAL A 109 -7.60 -37.57 6.29
N HIS A 110 -8.02 -36.34 6.51
CA HIS A 110 -7.60 -35.59 7.70
C HIS A 110 -8.78 -34.82 8.30
N PRO A 111 -9.75 -35.54 8.87
CA PRO A 111 -10.95 -34.98 9.49
C PRO A 111 -10.71 -33.90 10.55
N ASP A 112 -9.45 -33.69 10.93
CA ASP A 112 -9.10 -32.68 11.95
C ASP A 112 -8.54 -31.37 11.39
N LEU A 113 -8.38 -31.30 10.06
CA LEU A 113 -7.84 -30.13 9.40
C LEU A 113 -8.58 -28.83 9.74
N CYS A 114 -7.91 -27.71 9.44
CA CYS A 114 -8.49 -26.38 9.65
C CYS A 114 -8.41 -25.72 8.29
N VAL A 115 -9.27 -24.73 8.07
CA VAL A 115 -9.28 -24.04 6.78
C VAL A 115 -9.04 -22.55 6.88
N ILE A 116 -8.05 -22.08 6.13
CA ILE A 116 -7.70 -20.67 6.03
C ILE A 116 -8.27 -20.19 4.67
N TRP A 117 -9.31 -19.37 4.72
CA TRP A 117 -9.98 -18.89 3.53
C TRP A 117 -9.63 -17.43 3.15
N VAL A 118 -8.66 -17.22 2.27
CA VAL A 118 -8.35 -15.85 1.83
C VAL A 118 -9.20 -15.58 0.58
N ASP A 119 -10.15 -14.67 0.75
CA ASP A 119 -11.08 -14.33 -0.31
C ASP A 119 -11.57 -12.94 0.08
N ALA A 120 -12.23 -12.24 -0.83
CA ALA A 120 -12.75 -10.91 -0.55
C ALA A 120 -14.17 -11.09 -0.09
N HIS A 121 -14.67 -12.30 -0.27
CA HIS A 121 -16.03 -12.64 0.11
C HIS A 121 -16.01 -13.84 1.07
N THR A 122 -17.17 -14.16 1.65
CA THR A 122 -17.28 -15.30 2.57
C THR A 122 -17.75 -16.56 1.86
N ASP A 123 -18.48 -16.40 0.76
CA ASP A 123 -19.00 -17.52 -0.04
C ASP A 123 -19.73 -18.52 0.85
N ILE A 124 -20.49 -17.97 1.81
CA ILE A 124 -21.20 -18.81 2.76
C ILE A 124 -22.71 -18.68 2.66
N ASN A 125 -23.20 -18.26 1.49
CA ASN A 125 -24.65 -18.11 1.30
C ASN A 125 -25.25 -19.50 1.20
N THR A 126 -26.40 -19.72 1.84
CA THR A 126 -27.04 -21.02 1.73
C THR A 126 -27.98 -20.86 0.55
N PRO A 127 -28.35 -21.97 -0.11
CA PRO A 127 -29.25 -21.89 -1.26
C PRO A 127 -30.49 -21.03 -0.96
N LEU A 128 -30.67 -20.69 0.32
CA LEU A 128 -31.80 -19.87 0.76
C LEU A 128 -31.45 -18.38 0.90
N THR A 129 -30.16 -18.06 0.88
CA THR A 129 -29.73 -16.68 1.04
C THR A 129 -29.15 -16.01 -0.21
N THR A 130 -28.76 -16.79 -1.21
CA THR A 130 -28.13 -16.23 -2.39
C THR A 130 -29.04 -15.38 -3.28
N SER A 131 -28.52 -14.27 -3.77
CA SER A 131 -29.26 -13.37 -4.66
C SER A 131 -29.20 -13.94 -6.07
N SER A 132 -28.08 -14.61 -6.34
CA SER A 132 -27.81 -15.26 -7.61
C SER A 132 -27.63 -16.73 -7.36
N GLY A 133 -28.26 -17.52 -8.18
CA GLY A 133 -28.17 -18.98 -8.03
C GLY A 133 -26.73 -19.46 -8.04
N ASN A 134 -25.77 -18.55 -8.16
CA ASN A 134 -24.34 -18.89 -8.22
C ASN A 134 -23.79 -19.71 -7.05
N LEU A 135 -23.34 -20.92 -7.37
CA LEU A 135 -22.80 -21.81 -6.35
C LEU A 135 -21.43 -21.41 -5.84
N HIS A 136 -20.67 -20.67 -6.66
CA HIS A 136 -19.33 -20.26 -6.24
C HIS A 136 -19.41 -19.34 -5.02
N GLY A 137 -20.63 -18.99 -4.62
CA GLY A 137 -20.83 -18.12 -3.47
C GLY A 137 -21.44 -18.84 -2.27
N GLN A 138 -21.56 -20.15 -2.39
CA GLN A 138 -22.14 -20.96 -1.33
C GLN A 138 -21.26 -22.08 -0.76
N PRO A 139 -20.04 -22.26 -1.32
CA PRO A 139 -19.09 -23.30 -0.89
C PRO A 139 -19.00 -23.66 0.58
N VAL A 140 -18.79 -22.65 1.41
CA VAL A 140 -18.65 -22.88 2.84
C VAL A 140 -19.89 -23.48 3.47
N ALA A 141 -21.05 -23.08 2.94
CA ALA A 141 -22.33 -23.57 3.46
C ALA A 141 -22.46 -25.10 3.36
N PHE A 142 -21.98 -25.66 2.26
CA PHE A 142 -22.06 -27.10 2.08
C PHE A 142 -21.01 -27.84 2.90
N LEU A 143 -20.10 -27.12 3.52
CA LEU A 143 -19.04 -27.76 4.29
C LEU A 143 -19.20 -27.62 5.80
N LEU A 144 -19.92 -26.59 6.23
CA LEU A 144 -20.12 -26.38 7.65
C LEU A 144 -21.14 -27.34 8.23
N LYS A 145 -20.77 -27.93 9.36
CA LYS A 145 -21.65 -28.85 10.05
C LYS A 145 -22.84 -28.05 10.60
N GLU A 146 -22.54 -26.93 11.26
CA GLU A 146 -23.56 -26.07 11.85
C GLU A 146 -24.63 -25.60 10.89
N LEU A 147 -24.39 -25.76 9.59
CA LEU A 147 -25.37 -25.33 8.61
C LEU A 147 -26.17 -26.50 8.07
N LYS A 148 -25.86 -27.70 8.56
CA LYS A 148 -26.55 -28.90 8.12
C LYS A 148 -28.06 -28.85 8.34
N GLY A 149 -28.82 -28.96 7.25
CA GLY A 149 -30.26 -28.93 7.32
C GLY A 149 -30.86 -27.54 7.29
N LYS A 150 -30.01 -26.53 7.45
CA LYS A 150 -30.44 -25.13 7.45
C LYS A 150 -30.89 -24.66 6.07
N PHE A 151 -30.88 -25.59 5.11
CA PHE A 151 -31.30 -25.31 3.75
C PHE A 151 -31.65 -26.62 3.03
N PRO A 152 -32.58 -26.55 2.07
CA PRO A 152 -32.97 -27.77 1.32
C PRO A 152 -31.78 -28.51 0.73
N ASP A 153 -31.95 -29.83 0.59
CA ASP A 153 -30.92 -30.67 0.00
C ASP A 153 -30.80 -30.21 -1.44
N VAL A 154 -29.61 -30.35 -2.02
CA VAL A 154 -29.41 -29.89 -3.39
C VAL A 154 -29.06 -30.98 -4.41
N PRO A 155 -29.79 -31.01 -5.54
CA PRO A 155 -29.63 -31.96 -6.64
C PRO A 155 -28.16 -32.22 -7.03
N GLY A 156 -27.53 -33.21 -6.40
CA GLY A 156 -26.15 -33.52 -6.74
C GLY A 156 -25.14 -33.39 -5.61
N PHE A 157 -25.55 -32.76 -4.50
CA PHE A 157 -24.66 -32.58 -3.36
C PHE A 157 -25.02 -33.53 -2.22
N SER A 158 -25.86 -34.50 -2.55
CA SER A 158 -26.28 -35.50 -1.59
C SER A 158 -25.04 -36.11 -0.91
N TRP A 159 -24.05 -36.45 -1.73
CA TRP A 159 -22.79 -37.07 -1.31
C TRP A 159 -21.90 -36.28 -0.34
N VAL A 160 -22.19 -34.99 -0.17
CA VAL A 160 -21.40 -34.13 0.72
C VAL A 160 -21.76 -34.32 2.19
N THR A 161 -20.73 -34.34 3.04
CA THR A 161 -20.90 -34.52 4.48
C THR A 161 -20.20 -33.43 5.31
N PRO A 162 -20.95 -32.38 5.71
CA PRO A 162 -20.36 -31.30 6.50
C PRO A 162 -19.24 -31.80 7.39
N CYS A 163 -18.03 -31.57 6.89
CA CYS A 163 -16.79 -32.00 7.54
C CYS A 163 -16.25 -31.09 8.65
N ILE A 164 -16.26 -29.78 8.44
CA ILE A 164 -15.73 -28.89 9.45
C ILE A 164 -16.80 -28.01 10.09
N SER A 165 -16.47 -27.53 11.28
CA SER A 165 -17.38 -26.65 12.02
C SER A 165 -16.84 -25.22 11.92
N ALA A 166 -17.65 -24.27 12.39
CA ALA A 166 -17.27 -22.87 12.35
C ALA A 166 -16.06 -22.53 13.23
N LYS A 167 -15.61 -23.50 14.03
CA LYS A 167 -14.48 -23.28 14.92
C LYS A 167 -13.16 -23.67 14.30
N ASP A 168 -13.23 -24.22 13.09
CA ASP A 168 -12.03 -24.67 12.39
C ASP A 168 -11.65 -23.89 11.14
N ILE A 169 -12.47 -22.87 10.81
CA ILE A 169 -12.20 -22.05 9.64
C ILE A 169 -11.92 -20.61 10.03
N VAL A 170 -11.12 -19.94 9.21
CA VAL A 170 -10.76 -18.54 9.45
C VAL A 170 -10.66 -17.78 8.12
N TYR A 171 -11.42 -16.70 7.99
CA TYR A 171 -11.41 -15.90 6.78
C TYR A 171 -10.32 -14.85 6.85
N ILE A 172 -9.90 -14.38 5.69
CA ILE A 172 -8.91 -13.31 5.61
C ILE A 172 -9.10 -12.54 4.30
N GLY A 173 -9.38 -11.24 4.43
CA GLY A 173 -9.57 -10.38 3.28
C GLY A 173 -11.01 -10.01 2.94
N LEU A 174 -11.95 -10.36 3.82
CA LEU A 174 -13.35 -10.03 3.60
C LEU A 174 -13.59 -8.54 3.39
N ARG A 175 -14.42 -8.21 2.40
CA ARG A 175 -14.74 -6.82 2.13
C ARG A 175 -16.05 -6.63 1.37
N ASP A 176 -16.63 -7.72 0.87
CA ASP A 176 -17.90 -7.62 0.16
C ASP A 176 -18.82 -8.73 0.63
N VAL A 177 -19.47 -8.49 1.77
CA VAL A 177 -20.34 -9.48 2.38
C VAL A 177 -21.84 -9.17 2.26
N ASP A 178 -22.61 -10.18 1.89
CA ASP A 178 -24.03 -10.03 1.76
C ASP A 178 -24.61 -10.06 3.18
N PRO A 179 -25.76 -9.41 3.39
CA PRO A 179 -26.44 -9.37 4.70
C PRO A 179 -26.63 -10.77 5.27
N GLY A 180 -27.10 -11.68 4.43
CA GLY A 180 -27.32 -13.05 4.84
C GLY A 180 -26.01 -13.67 5.34
N GLU A 181 -24.96 -13.44 4.56
CA GLU A 181 -23.64 -13.96 4.91
C GLU A 181 -23.15 -13.37 6.23
N HIS A 182 -23.35 -12.07 6.45
CA HIS A 182 -22.91 -11.45 7.68
C HIS A 182 -23.64 -12.05 8.87
N TYR A 183 -24.96 -12.20 8.71
CA TYR A 183 -25.81 -12.78 9.75
C TYR A 183 -25.16 -14.08 10.21
N ILE A 184 -25.08 -15.03 9.29
CA ILE A 184 -24.50 -16.34 9.53
C ILE A 184 -23.18 -16.35 10.31
N ILE A 185 -22.13 -15.80 9.69
CA ILE A 185 -20.82 -15.77 10.32
C ILE A 185 -20.82 -15.17 11.72
N LYS A 186 -21.75 -14.23 11.95
CA LYS A 186 -21.87 -13.57 13.24
C LYS A 186 -22.62 -14.50 14.20
N THR A 187 -23.58 -15.23 13.64
CA THR A 187 -24.39 -16.17 14.40
C THR A 187 -23.59 -17.41 14.79
N LEU A 188 -22.80 -17.95 13.85
CA LEU A 188 -21.99 -19.14 14.13
C LEU A 188 -20.64 -18.79 14.72
N GLY A 189 -20.50 -17.53 15.15
CA GLY A 189 -19.25 -17.10 15.73
C GLY A 189 -18.03 -17.62 15.00
N ILE A 190 -17.91 -17.26 13.72
CA ILE A 190 -16.77 -17.68 12.92
C ILE A 190 -15.66 -16.64 12.97
N LYS A 191 -14.43 -17.09 13.18
CA LYS A 191 -13.28 -16.21 13.26
C LYS A 191 -13.01 -15.66 11.87
N TYR A 192 -12.65 -14.38 11.80
CA TYR A 192 -12.37 -13.77 10.52
C TYR A 192 -11.55 -12.52 10.68
N PHE A 193 -10.93 -12.10 9.60
CA PHE A 193 -10.13 -10.89 9.58
C PHE A 193 -10.49 -10.18 8.29
N SER A 194 -11.44 -9.23 8.39
CA SER A 194 -11.86 -8.46 7.22
C SER A 194 -10.79 -7.42 7.04
N MET A 195 -10.75 -6.78 5.87
CA MET A 195 -9.72 -5.76 5.64
C MET A 195 -9.67 -4.74 6.79
N THR A 196 -10.78 -4.47 7.47
CA THR A 196 -10.66 -3.51 8.56
C THR A 196 -9.76 -4.07 9.69
N GLU A 197 -9.84 -5.37 9.96
CA GLU A 197 -8.98 -5.97 10.99
C GLU A 197 -7.54 -5.95 10.52
N VAL A 198 -7.34 -6.28 9.25
CA VAL A 198 -6.01 -6.29 8.68
C VAL A 198 -5.44 -4.88 8.79
N ASP A 199 -6.30 -3.90 8.59
CA ASP A 199 -5.85 -2.52 8.68
C ASP A 199 -5.42 -2.19 10.08
N LYS A 200 -6.25 -2.60 11.03
CA LYS A 200 -5.98 -2.38 12.45
C LYS A 200 -4.70 -3.10 12.90
N LEU A 201 -4.70 -4.42 12.75
CA LEU A 201 -3.59 -5.27 13.19
C LEU A 201 -2.29 -5.35 12.37
N GLY A 202 -2.41 -5.37 11.05
CA GLY A 202 -1.24 -5.54 10.20
C GLY A 202 -1.22 -7.03 9.88
N ILE A 203 -0.81 -7.40 8.67
CA ILE A 203 -0.80 -8.82 8.29
C ILE A 203 0.04 -9.64 9.27
N GLY A 204 0.98 -8.97 9.95
CA GLY A 204 1.81 -9.67 10.92
C GLY A 204 0.96 -10.30 12.01
N LYS A 205 0.33 -9.45 12.82
CA LYS A 205 -0.51 -9.92 13.92
C LYS A 205 -1.65 -10.82 13.44
N VAL A 206 -2.19 -10.54 12.26
CA VAL A 206 -3.29 -11.34 11.74
C VAL A 206 -2.89 -12.82 11.69
N MET A 207 -1.84 -13.13 10.95
CA MET A 207 -1.37 -14.51 10.83
C MET A 207 -1.05 -15.13 12.18
N GLU A 208 -0.41 -14.34 13.02
CA GLU A 208 -0.03 -14.74 14.38
C GLU A 208 -1.30 -15.19 15.11
N GLU A 209 -2.34 -14.37 15.03
CA GLU A 209 -3.60 -14.67 15.69
C GLU A 209 -4.33 -15.85 15.09
N THR A 210 -4.42 -15.92 13.76
CA THR A 210 -5.16 -17.04 13.18
C THR A 210 -4.46 -18.34 13.54
N PHE A 211 -3.13 -18.30 13.60
CA PHE A 211 -2.40 -19.51 13.94
C PHE A 211 -2.68 -19.96 15.36
N SER A 212 -2.66 -19.02 16.31
CA SER A 212 -2.94 -19.38 17.70
C SER A 212 -4.38 -19.90 17.78
N TYR A 213 -5.29 -19.21 17.10
CA TYR A 213 -6.70 -19.60 17.10
C TYR A 213 -6.94 -21.00 16.54
N LEU A 214 -6.33 -21.31 15.41
CA LEU A 214 -6.54 -22.61 14.77
C LEU A 214 -5.56 -23.71 15.17
N LEU A 215 -4.41 -23.33 15.70
CA LEU A 215 -3.42 -24.33 16.07
C LEU A 215 -2.94 -24.20 17.50
N GLY A 216 -3.66 -23.42 18.31
CA GLY A 216 -3.28 -23.24 19.70
C GLY A 216 -3.20 -24.57 20.45
N ARG A 217 -4.36 -25.22 20.59
CA ARG A 217 -4.44 -26.51 21.29
C ARG A 217 -3.69 -27.60 20.55
N LYS A 218 -4.31 -28.12 19.51
CA LYS A 218 -3.71 -29.18 18.71
C LYS A 218 -3.17 -28.63 17.40
N LYS A 219 -2.15 -29.29 16.88
CA LYS A 219 -1.54 -28.92 15.60
C LYS A 219 -2.22 -29.80 14.56
N ARG A 220 -3.02 -29.19 13.68
CA ARG A 220 -3.68 -29.99 12.65
C ARG A 220 -3.24 -29.62 11.25
N PRO A 221 -3.72 -30.35 10.24
CA PRO A 221 -3.35 -30.06 8.86
C PRO A 221 -4.02 -28.76 8.42
N ILE A 222 -3.34 -28.01 7.55
CA ILE A 222 -3.90 -26.76 7.06
C ILE A 222 -4.34 -26.83 5.60
N HIS A 223 -5.53 -26.31 5.35
CA HIS A 223 -6.08 -26.27 4.00
C HIS A 223 -6.20 -24.80 3.59
N LEU A 224 -5.33 -24.37 2.69
CA LEU A 224 -5.36 -22.99 2.21
C LEU A 224 -6.21 -22.87 0.94
N SER A 225 -7.40 -22.29 1.08
CA SER A 225 -8.29 -22.08 -0.07
C SER A 225 -8.19 -20.60 -0.46
N PHE A 226 -7.34 -20.34 -1.46
CA PHE A 226 -7.09 -18.98 -1.90
C PHE A 226 -7.92 -18.49 -3.08
N ASP A 227 -8.81 -17.55 -2.81
CA ASP A 227 -9.62 -16.97 -3.88
C ASP A 227 -8.76 -15.81 -4.36
N VAL A 228 -8.41 -15.82 -5.64
CA VAL A 228 -7.57 -14.78 -6.18
C VAL A 228 -8.12 -13.36 -6.00
N ASP A 229 -9.43 -13.20 -5.84
CA ASP A 229 -9.95 -11.86 -5.68
C ASP A 229 -9.63 -11.34 -4.28
N GLY A 230 -8.87 -12.13 -3.54
CA GLY A 230 -8.50 -11.72 -2.21
C GLY A 230 -7.55 -10.54 -2.29
N LEU A 231 -6.79 -10.46 -3.38
CA LEU A 231 -5.84 -9.36 -3.55
C LEU A 231 -6.50 -8.22 -4.29
N ASP A 232 -6.05 -7.01 -4.01
CA ASP A 232 -6.59 -5.85 -4.70
C ASP A 232 -6.54 -6.01 -6.23
N PRO A 233 -7.62 -5.61 -6.94
CA PRO A 233 -7.73 -5.69 -8.42
C PRO A 233 -6.46 -5.18 -9.13
N VAL A 234 -5.68 -4.34 -8.45
CA VAL A 234 -4.43 -3.83 -9.01
C VAL A 234 -3.37 -4.96 -9.12
N PHE A 235 -3.65 -6.12 -8.53
CA PHE A 235 -2.69 -7.23 -8.58
C PHE A 235 -3.26 -8.44 -9.33
N THR A 236 -4.54 -8.70 -9.13
CA THR A 236 -5.23 -9.83 -9.73
C THR A 236 -6.50 -9.26 -10.38
N PRO A 237 -6.33 -8.40 -11.38
CA PRO A 237 -7.49 -7.81 -12.06
C PRO A 237 -8.38 -8.77 -12.78
N ALA A 238 -7.77 -9.80 -13.38
CA ALA A 238 -8.49 -10.84 -14.11
C ALA A 238 -9.29 -11.82 -13.23
N THR A 239 -10.38 -11.35 -12.63
CA THR A 239 -11.25 -12.21 -11.83
C THR A 239 -12.69 -11.76 -12.09
N GLY A 240 -13.64 -12.59 -11.71
CA GLY A 240 -15.01 -12.23 -11.94
C GLY A 240 -15.56 -11.22 -10.95
N THR A 241 -15.13 -11.28 -9.70
CA THR A 241 -15.66 -10.38 -8.68
C THR A 241 -14.67 -9.36 -8.11
N PRO A 242 -14.00 -8.58 -8.97
CA PRO A 242 -13.05 -7.61 -8.42
C PRO A 242 -13.69 -6.65 -7.42
N VAL A 243 -13.01 -6.48 -6.29
CA VAL A 243 -13.49 -5.59 -5.23
C VAL A 243 -12.30 -4.78 -4.77
N VAL A 244 -12.45 -3.46 -4.78
CA VAL A 244 -11.37 -2.56 -4.42
C VAL A 244 -10.96 -2.55 -2.96
N GLY A 245 -9.73 -2.09 -2.72
CA GLY A 245 -9.19 -1.99 -1.38
C GLY A 245 -8.93 -3.32 -0.72
N GLY A 246 -8.33 -4.23 -1.47
CA GLY A 246 -8.01 -5.57 -0.97
C GLY A 246 -6.55 -5.80 -0.63
N LEU A 247 -6.23 -7.06 -0.37
CA LEU A 247 -4.89 -7.47 0.03
C LEU A 247 -3.83 -7.07 -0.95
N SER A 248 -2.76 -6.47 -0.44
CA SER A 248 -1.66 -6.04 -1.30
C SER A 248 -0.83 -7.25 -1.68
N TYR A 249 -0.11 -7.17 -2.80
CA TYR A 249 0.73 -8.29 -3.24
C TYR A 249 1.56 -8.80 -2.06
N ARG A 250 2.17 -7.88 -1.34
CA ARG A 250 3.01 -8.24 -0.21
C ARG A 250 2.23 -9.02 0.81
N GLU A 251 1.13 -8.45 1.24
CA GLU A 251 0.29 -9.08 2.24
C GLU A 251 -0.03 -10.50 1.82
N GLY A 252 -0.28 -10.66 0.52
CA GLY A 252 -0.64 -11.96 -0.03
C GLY A 252 0.48 -12.94 0.16
N LEU A 253 1.67 -12.49 -0.20
CA LEU A 253 2.85 -13.33 -0.05
C LEU A 253 3.17 -13.57 1.41
N TYR A 254 3.07 -12.53 2.24
CA TYR A 254 3.38 -12.73 3.65
C TYR A 254 2.55 -13.88 4.18
N ILE A 255 1.29 -13.91 3.80
CA ILE A 255 0.42 -14.97 4.28
C ILE A 255 0.93 -16.33 3.87
N THR A 256 1.06 -16.54 2.56
CA THR A 256 1.54 -17.81 2.01
C THR A 256 2.87 -18.28 2.63
N GLU A 257 3.74 -17.34 2.99
CA GLU A 257 5.05 -17.65 3.57
C GLU A 257 4.95 -18.13 4.99
N GLU A 258 4.09 -17.51 5.77
CA GLU A 258 3.90 -17.91 7.15
C GLU A 258 3.32 -19.30 7.22
N ILE A 259 2.34 -19.57 6.36
CA ILE A 259 1.72 -20.87 6.33
C ILE A 259 2.79 -21.88 5.91
N TYR A 260 3.76 -21.42 5.12
CA TYR A 260 4.83 -22.32 4.69
C TYR A 260 5.62 -22.71 5.93
N LYS A 261 5.96 -21.70 6.72
CA LYS A 261 6.73 -21.86 7.96
C LYS A 261 6.07 -22.70 9.07
N THR A 262 4.78 -22.98 8.95
CA THR A 262 4.14 -23.81 9.96
C THR A 262 4.42 -25.27 9.60
N GLY A 263 4.69 -25.50 8.32
CA GLY A 263 4.97 -26.84 7.83
C GLY A 263 3.71 -27.69 7.87
N LEU A 264 2.57 -27.06 8.11
CA LEU A 264 1.31 -27.79 8.18
C LEU A 264 0.45 -27.67 6.93
N LEU A 265 1.05 -27.28 5.80
CA LEU A 265 0.29 -27.15 4.56
C LEU A 265 -0.04 -28.50 3.94
N SER A 266 -1.30 -28.88 3.99
CA SER A 266 -1.76 -30.16 3.48
C SER A 266 -2.50 -30.03 2.11
N GLY A 267 -3.44 -29.08 2.04
CA GLY A 267 -4.19 -28.85 0.82
C GLY A 267 -4.14 -27.38 0.42
N LEU A 268 -4.23 -27.10 -0.88
CA LEU A 268 -4.18 -25.73 -1.38
C LEU A 268 -5.13 -25.56 -2.56
N ASP A 269 -5.79 -24.40 -2.62
CA ASP A 269 -6.69 -24.07 -3.73
C ASP A 269 -6.27 -22.73 -4.32
N ILE A 270 -6.14 -22.67 -5.63
CA ILE A 270 -5.78 -21.43 -6.31
C ILE A 270 -6.98 -21.22 -7.21
N MET A 271 -7.95 -20.45 -6.75
CA MET A 271 -9.16 -20.26 -7.53
C MET A 271 -9.45 -18.89 -8.12
N GLU A 272 -10.43 -18.92 -9.03
CA GLU A 272 -10.98 -17.78 -9.72
C GLU A 272 -10.18 -17.03 -10.78
N VAL A 273 -8.95 -17.46 -11.04
CA VAL A 273 -8.16 -16.79 -12.07
C VAL A 273 -8.86 -16.95 -13.43
N ASN A 274 -9.36 -15.86 -14.00
CA ASN A 274 -10.06 -15.92 -15.27
C ASN A 274 -9.25 -15.17 -16.31
N PRO A 275 -8.53 -15.89 -17.17
CA PRO A 275 -7.69 -15.29 -18.22
C PRO A 275 -8.41 -14.39 -19.19
N THR A 276 -9.66 -14.71 -19.46
CA THR A 276 -10.44 -13.94 -20.41
C THR A 276 -10.95 -12.60 -19.88
N LEU A 277 -10.84 -12.37 -18.57
CA LEU A 277 -11.34 -11.11 -18.02
C LEU A 277 -10.33 -9.98 -17.89
N GLY A 278 -9.20 -10.08 -18.57
CA GLY A 278 -8.23 -9.01 -18.47
C GLY A 278 -8.38 -7.95 -19.56
N LYS A 279 -8.57 -6.69 -19.16
CA LYS A 279 -8.72 -5.58 -20.09
C LYS A 279 -7.52 -5.41 -21.03
N THR A 280 -6.35 -5.82 -20.56
CA THR A 280 -5.14 -5.77 -21.37
C THR A 280 -4.32 -6.99 -21.00
N PRO A 281 -3.72 -7.66 -22.01
CA PRO A 281 -2.90 -8.85 -21.78
C PRO A 281 -2.09 -8.75 -20.50
N GLU A 282 -1.64 -7.53 -20.21
CA GLU A 282 -0.85 -7.25 -19.01
C GLU A 282 -1.65 -7.68 -17.74
N GLU A 283 -2.91 -7.30 -17.70
CA GLU A 283 -3.77 -7.63 -16.57
C GLU A 283 -3.84 -9.12 -16.32
N VAL A 284 -3.82 -9.90 -17.41
CA VAL A 284 -3.87 -11.35 -17.30
C VAL A 284 -2.52 -11.93 -16.89
N THR A 285 -1.44 -11.43 -17.51
CA THR A 285 -0.10 -11.89 -17.21
C THR A 285 0.10 -11.65 -15.73
N ARG A 286 -0.25 -10.43 -15.31
CA ARG A 286 -0.14 -9.95 -13.93
C ARG A 286 -0.91 -10.86 -12.96
N THR A 287 -2.20 -11.05 -13.22
CA THR A 287 -3.03 -11.91 -12.38
C THR A 287 -2.34 -13.26 -12.20
N VAL A 288 -2.19 -14.00 -13.31
CA VAL A 288 -1.54 -15.31 -13.30
C VAL A 288 -0.19 -15.36 -12.56
N ASN A 289 0.72 -14.48 -12.95
CA ASN A 289 2.03 -14.44 -12.35
C ASN A 289 2.01 -14.43 -10.82
N THR A 290 1.16 -13.61 -10.22
CA THR A 290 1.14 -13.57 -8.78
C THR A 290 0.50 -14.85 -8.26
N ALA A 291 -0.43 -15.41 -9.01
CA ALA A 291 -1.08 -16.65 -8.58
C ALA A 291 0.04 -17.65 -8.38
N VAL A 292 0.84 -17.81 -9.42
CA VAL A 292 1.95 -18.74 -9.36
C VAL A 292 2.80 -18.39 -8.14
N ALA A 293 3.13 -17.12 -8.00
CA ALA A 293 3.96 -16.68 -6.87
C ALA A 293 3.40 -17.09 -5.51
N LEU A 294 2.11 -16.89 -5.30
CA LEU A 294 1.52 -17.26 -4.02
C LEU A 294 1.71 -18.76 -3.82
N THR A 295 1.67 -19.49 -4.93
CA THR A 295 1.82 -20.94 -4.90
C THR A 295 3.23 -21.34 -4.48
N LEU A 296 4.22 -20.86 -5.24
CA LEU A 296 5.60 -21.18 -4.93
C LEU A 296 5.93 -20.76 -3.51
N SER A 297 5.30 -19.68 -3.08
CA SER A 297 5.52 -19.17 -1.74
C SER A 297 5.11 -20.22 -0.73
N CYS A 298 3.90 -20.75 -0.90
CA CYS A 298 3.38 -21.78 -0.02
C CYS A 298 4.37 -22.91 0.17
N PHE A 299 5.04 -23.27 -0.92
CA PHE A 299 6.00 -24.36 -0.92
C PHE A 299 7.47 -24.00 -0.71
N GLY A 300 7.73 -22.90 -0.02
CA GLY A 300 9.11 -22.55 0.24
C GLY A 300 9.65 -21.21 -0.21
N THR A 301 9.63 -20.93 -1.51
CA THR A 301 10.18 -19.66 -1.99
C THR A 301 9.98 -18.50 -1.01
N LYS A 302 11.08 -18.01 -0.44
CA LYS A 302 11.05 -16.89 0.51
C LYS A 302 11.46 -15.61 -0.19
N ARG A 303 11.00 -14.48 0.32
CA ARG A 303 11.33 -13.21 -0.30
C ARG A 303 12.71 -12.80 0.11
N GLU A 304 13.21 -13.45 1.16
CA GLU A 304 14.54 -13.13 1.62
C GLU A 304 15.60 -13.94 0.85
N GLY A 305 15.13 -14.92 0.08
CA GLY A 305 16.04 -15.77 -0.70
C GLY A 305 16.07 -17.18 -0.16
N ASN A 306 16.60 -18.10 -0.98
CA ASN A 306 16.71 -19.51 -0.60
C ASN A 306 18.01 -20.09 -1.15
N HIS A 307 18.67 -20.96 -0.39
CA HIS A 307 19.90 -21.60 -0.88
C HIS A 307 19.88 -23.10 -0.59
N LYS A 308 20.36 -23.88 -1.53
CA LYS A 308 20.37 -25.33 -1.37
C LYS A 308 21.35 -25.78 -0.28
N PRO A 309 20.84 -26.58 0.67
CA PRO A 309 21.64 -27.11 1.79
C PRO A 309 22.78 -28.04 1.37
N GLU A 310 23.83 -28.09 2.20
CA GLU A 310 25.02 -28.88 1.93
C GLU A 310 25.91 -28.37 0.82
N THR A 311 25.48 -27.28 0.21
CA THR A 311 26.25 -26.74 -0.88
C THR A 311 26.98 -25.49 -0.42
N ASP A 312 28.31 -25.51 -0.56
CA ASP A 312 29.13 -24.38 -0.20
C ASP A 312 29.36 -23.57 -1.48
N TYR A 313 28.57 -22.50 -1.61
CA TYR A 313 28.64 -21.64 -2.78
C TYR A 313 29.98 -20.89 -2.83
N LEU A 314 30.73 -21.00 -1.74
CA LEU A 314 32.04 -20.36 -1.65
C LEU A 314 33.14 -21.37 -1.96
N LYS B 1 25.95 22.87 7.37
CA LYS B 1 26.69 21.72 6.76
C LYS B 1 26.73 21.86 5.23
N PRO B 2 27.78 21.32 4.60
CA PRO B 2 27.89 21.41 3.15
C PRO B 2 27.61 20.09 2.44
N ILE B 3 27.08 20.19 1.24
CA ILE B 3 26.73 19.04 0.41
C ILE B 3 27.49 19.08 -0.91
N GLU B 4 28.06 17.96 -1.30
CA GLU B 4 28.77 17.92 -2.57
C GLU B 4 28.18 16.85 -3.45
N ILE B 5 27.52 17.28 -4.54
CA ILE B 5 26.91 16.36 -5.49
C ILE B 5 28.02 15.88 -6.40
N ILE B 6 27.99 14.60 -6.72
CA ILE B 6 29.01 14.02 -7.59
C ILE B 6 28.34 13.08 -8.56
N GLY B 7 28.42 13.40 -9.83
CA GLY B 7 27.82 12.52 -10.81
C GLY B 7 28.77 11.38 -11.09
N ALA B 8 28.23 10.19 -11.32
CA ALA B 8 29.05 9.01 -11.61
C ALA B 8 28.45 8.30 -12.81
N PRO B 9 28.34 9.00 -13.96
CA PRO B 9 27.78 8.45 -15.20
C PRO B 9 28.47 7.15 -15.67
N PHE B 10 28.31 6.08 -14.90
CA PHE B 10 28.94 4.82 -15.22
C PHE B 10 27.87 3.77 -15.51
N SER B 11 28.20 2.78 -16.34
CA SER B 11 27.23 1.74 -16.67
C SER B 11 27.81 0.35 -16.95
N LYS B 12 29.13 0.23 -17.00
CA LYS B 12 29.75 -1.06 -17.26
C LYS B 12 29.51 -2.09 -16.15
N GLY B 13 28.88 -1.66 -15.06
CA GLY B 13 28.62 -2.58 -13.97
C GLY B 13 27.56 -3.61 -14.31
N GLN B 14 26.77 -3.28 -15.34
CA GLN B 14 25.69 -4.15 -15.81
C GLN B 14 25.52 -4.03 -17.32
N PRO B 15 24.74 -4.94 -17.93
CA PRO B 15 24.46 -5.02 -19.36
C PRO B 15 23.44 -4.12 -20.09
N ARG B 16 22.72 -3.24 -19.39
CA ARG B 16 21.74 -2.37 -20.05
C ARG B 16 22.21 -0.93 -20.15
N GLY B 17 22.28 -0.42 -21.37
CA GLY B 17 22.74 0.95 -21.56
C GLY B 17 21.71 1.96 -21.10
N GLY B 18 22.19 3.10 -20.60
CA GLY B 18 21.29 4.13 -20.14
C GLY B 18 21.58 4.71 -18.76
N VAL B 19 21.91 3.85 -17.80
CA VAL B 19 22.20 4.29 -16.44
C VAL B 19 23.19 5.46 -16.35
N GLU B 20 24.12 5.55 -17.29
CA GLU B 20 25.10 6.64 -17.26
C GLU B 20 24.38 7.99 -17.32
N LYS B 21 23.28 8.02 -18.05
CA LYS B 21 22.49 9.24 -18.22
C LYS B 21 21.76 9.62 -16.95
N GLY B 22 21.82 8.73 -15.95
CA GLY B 22 21.16 8.97 -14.68
C GLY B 22 21.38 10.35 -14.09
N PRO B 23 22.63 10.72 -13.80
CA PRO B 23 22.95 12.03 -13.22
C PRO B 23 22.32 13.20 -13.98
N ALA B 24 22.45 13.17 -15.31
CA ALA B 24 21.90 14.21 -16.17
C ALA B 24 20.40 14.33 -15.91
N ALA B 25 19.70 13.20 -15.94
CA ALA B 25 18.28 13.18 -15.70
C ALA B 25 17.93 13.81 -14.35
N LEU B 26 18.63 13.39 -13.29
CA LEU B 26 18.36 13.92 -11.96
C LEU B 26 18.61 15.40 -11.88
N ARG B 27 19.72 15.83 -12.46
CA ARG B 27 20.05 17.25 -12.46
C ARG B 27 18.98 18.00 -13.21
N LYS B 28 18.65 17.50 -14.41
CA LYS B 28 17.64 18.11 -15.25
C LYS B 28 16.32 18.25 -14.48
N ALA B 29 16.09 17.37 -13.52
CA ALA B 29 14.87 17.42 -12.72
C ALA B 29 14.98 18.53 -11.66
N GLY B 30 16.12 19.22 -11.68
CA GLY B 30 16.33 20.29 -10.72
C GLY B 30 16.72 19.81 -9.34
N LEU B 31 17.57 18.79 -9.27
CA LEU B 31 18.00 18.26 -7.99
C LEU B 31 18.84 19.29 -7.25
N VAL B 32 19.86 19.79 -7.93
CA VAL B 32 20.75 20.78 -7.36
C VAL B 32 19.96 21.97 -6.82
N GLU B 33 19.23 22.64 -7.71
CA GLU B 33 18.40 23.80 -7.34
C GLU B 33 17.60 23.52 -6.07
N LYS B 34 16.78 22.48 -6.12
CA LYS B 34 15.95 22.13 -4.98
C LYS B 34 16.81 21.95 -3.75
N LEU B 35 17.87 21.17 -3.86
CA LEU B 35 18.74 20.96 -2.72
C LEU B 35 19.14 22.30 -2.11
N LYS B 36 19.50 23.23 -2.97
CA LYS B 36 19.91 24.55 -2.50
C LYS B 36 18.82 25.17 -1.63
N GLU B 37 17.57 24.98 -2.02
CA GLU B 37 16.48 25.51 -1.23
C GLU B 37 16.48 24.96 0.18
N THR B 38 17.33 23.97 0.44
CA THR B 38 17.38 23.40 1.79
C THR B 38 18.29 24.19 2.70
N GLU B 39 18.23 23.86 3.98
CA GLU B 39 19.05 24.52 4.98
C GLU B 39 20.53 24.18 4.76
N TYR B 40 20.82 23.40 3.72
CA TYR B 40 22.19 23.01 3.43
C TYR B 40 22.87 23.81 2.34
N ASN B 41 24.20 23.86 2.43
CA ASN B 41 25.03 24.54 1.45
C ASN B 41 25.41 23.47 0.46
N VAL B 42 25.13 23.75 -0.82
CA VAL B 42 25.38 22.79 -1.85
C VAL B 42 26.39 23.23 -2.90
N ARG B 43 27.15 22.26 -3.40
CA ARG B 43 28.11 22.49 -4.45
C ARG B 43 28.12 21.26 -5.36
N ASP B 44 27.89 21.49 -6.65
CA ASP B 44 27.88 20.42 -7.62
C ASP B 44 29.34 20.25 -8.04
N HIS B 45 29.85 19.03 -7.99
CA HIS B 45 31.24 18.76 -8.36
C HIS B 45 31.28 18.22 -9.80
N GLY B 46 30.16 18.33 -10.51
CA GLY B 46 30.08 17.87 -11.88
C GLY B 46 30.17 16.35 -12.03
N ASP B 47 30.04 15.86 -13.25
CA ASP B 47 30.11 14.42 -13.52
C ASP B 47 31.53 13.97 -13.84
N LEU B 48 32.05 13.05 -13.05
CA LEU B 48 33.39 12.54 -13.28
C LEU B 48 33.44 11.96 -14.70
N ALA B 49 34.63 11.96 -15.28
CA ALA B 49 34.81 11.42 -16.61
C ALA B 49 35.59 10.12 -16.44
N PHE B 50 34.99 9.03 -16.86
CA PHE B 50 35.65 7.75 -16.73
C PHE B 50 36.39 7.32 -17.98
N VAL B 51 37.68 7.08 -17.82
CA VAL B 51 38.52 6.64 -18.92
C VAL B 51 38.22 5.16 -19.14
N ASP B 52 37.91 4.81 -20.39
CA ASP B 52 37.58 3.43 -20.73
C ASP B 52 38.83 2.58 -20.99
N VAL B 53 38.99 1.53 -20.19
CA VAL B 53 40.14 0.63 -20.32
C VAL B 53 40.04 -0.29 -21.53
N PRO B 54 40.77 0.04 -22.61
CA PRO B 54 40.76 -0.77 -23.84
C PRO B 54 41.11 -2.24 -23.62
N ASN B 55 40.45 -3.10 -24.37
CA ASN B 55 40.69 -4.53 -24.26
C ASN B 55 40.52 -4.99 -22.82
N ASP B 56 39.32 -4.75 -22.29
CA ASP B 56 38.97 -5.13 -20.92
C ASP B 56 38.37 -6.54 -21.03
N SER B 57 39.24 -7.54 -20.91
CA SER B 57 38.83 -8.93 -21.00
C SER B 57 38.07 -9.41 -19.76
N PRO B 58 37.05 -10.27 -19.96
CA PRO B 58 36.23 -10.84 -18.88
C PRO B 58 36.96 -11.79 -17.94
N PHE B 59 37.31 -11.30 -16.75
CA PHE B 59 37.98 -12.12 -15.74
C PHE B 59 37.08 -13.32 -15.45
N GLN B 60 37.36 -14.45 -16.07
CA GLN B 60 36.52 -15.63 -15.89
C GLN B 60 35.13 -15.22 -16.39
N ILE B 61 34.22 -15.03 -15.44
CA ILE B 61 32.84 -14.63 -15.75
C ILE B 61 32.65 -13.11 -15.64
N VAL B 62 33.18 -12.51 -14.58
CA VAL B 62 33.05 -11.07 -14.36
C VAL B 62 33.38 -10.29 -15.64
N LYS B 63 32.56 -9.29 -15.97
CA LYS B 63 32.76 -8.50 -17.18
C LYS B 63 33.28 -7.11 -16.86
N ASN B 64 34.02 -6.52 -17.80
CA ASN B 64 34.59 -5.18 -17.63
C ASN B 64 35.15 -4.90 -16.23
N PRO B 65 35.96 -5.81 -15.69
CA PRO B 65 36.53 -5.62 -14.34
C PRO B 65 37.45 -4.41 -14.19
N ARG B 66 38.33 -4.21 -15.17
CA ARG B 66 39.26 -3.10 -15.14
C ARG B 66 38.58 -1.73 -15.32
N SER B 67 37.57 -1.66 -16.19
CA SER B 67 36.86 -0.40 -16.41
C SER B 67 36.19 0.01 -15.10
N VAL B 68 35.54 -0.97 -14.46
CA VAL B 68 34.84 -0.80 -13.20
C VAL B 68 35.75 -0.42 -12.02
N GLY B 69 36.83 -1.19 -11.85
CA GLY B 69 37.78 -0.92 -10.78
C GLY B 69 38.45 0.44 -10.89
N LYS B 70 38.76 0.87 -12.12
CA LYS B 70 39.40 2.16 -12.33
C LYS B 70 38.44 3.32 -12.10
N ALA B 71 37.20 3.14 -12.58
CA ALA B 71 36.19 4.16 -12.43
C ALA B 71 35.95 4.36 -10.95
N ASN B 72 35.84 3.25 -10.22
CA ASN B 72 35.63 3.31 -8.78
C ASN B 72 36.85 3.89 -8.07
N GLU B 73 38.04 3.43 -8.41
CA GLU B 73 39.25 3.96 -7.80
C GLU B 73 39.28 5.49 -7.96
N GLN B 74 38.76 5.97 -9.08
CA GLN B 74 38.71 7.39 -9.38
C GLN B 74 37.70 8.10 -8.47
N LEU B 75 36.62 7.39 -8.18
CA LEU B 75 35.55 7.93 -7.35
C LEU B 75 35.96 7.95 -5.90
N ALA B 76 36.35 6.80 -5.38
CA ALA B 76 36.77 6.69 -3.98
C ALA B 76 37.70 7.84 -3.65
N ALA B 77 38.51 8.23 -4.64
CA ALA B 77 39.45 9.34 -4.49
C ALA B 77 38.69 10.65 -4.35
N VAL B 78 37.83 10.95 -5.32
CA VAL B 78 37.03 12.17 -5.31
C VAL B 78 36.20 12.26 -4.03
N VAL B 79 35.64 11.12 -3.61
CA VAL B 79 34.83 11.04 -2.40
C VAL B 79 35.63 11.32 -1.14
N ALA B 80 36.71 10.55 -0.94
CA ALA B 80 37.58 10.71 0.22
C ALA B 80 38.01 12.17 0.36
N GLU B 81 38.25 12.82 -0.78
CA GLU B 81 38.66 14.22 -0.83
C GLU B 81 37.65 15.16 -0.21
N THR B 82 36.38 15.04 -0.61
CA THR B 82 35.33 15.90 -0.07
C THR B 82 34.99 15.56 1.37
N GLN B 83 34.97 14.27 1.71
CA GLN B 83 34.67 13.84 3.08
C GLN B 83 35.70 14.49 4.00
N LYS B 84 36.95 14.47 3.55
CA LYS B 84 38.08 15.05 4.28
C LYS B 84 37.71 16.45 4.71
N ASN B 85 37.28 17.26 3.74
CA ASN B 85 36.89 18.64 3.99
C ASN B 85 35.71 18.78 4.95
N GLY B 86 35.09 17.67 5.30
CA GLY B 86 33.96 17.71 6.21
C GLY B 86 32.65 18.06 5.54
N THR B 87 32.45 17.65 4.29
CA THR B 87 31.21 17.91 3.54
C THR B 87 30.49 16.58 3.27
N ILE B 88 29.16 16.62 3.10
CA ILE B 88 28.39 15.38 2.84
C ILE B 88 28.37 15.05 1.35
N SER B 89 28.84 13.85 1.03
CA SER B 89 28.91 13.40 -0.34
C SER B 89 27.60 12.76 -0.77
N VAL B 90 27.17 13.13 -1.98
CA VAL B 90 25.94 12.64 -2.58
C VAL B 90 26.32 12.15 -3.97
N VAL B 91 26.45 10.84 -4.13
CA VAL B 91 26.82 10.32 -5.44
C VAL B 91 25.59 10.00 -6.29
N LEU B 92 25.43 10.73 -7.39
CA LEU B 92 24.32 10.49 -8.31
C LEU B 92 25.01 9.56 -9.28
N GLY B 93 24.49 8.36 -9.47
CA GLY B 93 25.20 7.50 -10.38
C GLY B 93 24.43 6.76 -11.45
N GLY B 94 25.17 5.81 -12.03
CA GLY B 94 24.64 4.94 -13.04
C GLY B 94 24.30 3.72 -12.23
N ASP B 95 25.04 2.64 -12.42
CA ASP B 95 24.74 1.44 -11.69
C ASP B 95 25.31 1.40 -10.27
N HIS B 96 24.78 0.48 -9.49
CA HIS B 96 25.16 0.31 -8.10
C HIS B 96 26.58 -0.21 -7.83
N SER B 97 27.34 -0.52 -8.88
CA SER B 97 28.71 -1.02 -8.70
C SER B 97 29.63 0.10 -8.20
N MET B 98 29.24 1.33 -8.49
CA MET B 98 30.00 2.50 -8.08
C MET B 98 29.96 2.69 -6.56
N ALA B 99 29.15 1.87 -5.90
CA ALA B 99 29.03 1.93 -4.46
C ALA B 99 30.40 1.57 -3.88
N ILE B 100 31.08 0.65 -4.54
CA ILE B 100 32.40 0.22 -4.11
C ILE B 100 33.19 1.50 -3.85
N GLY B 101 33.41 2.27 -4.91
CA GLY B 101 34.15 3.50 -4.75
C GLY B 101 33.57 4.45 -3.71
N SER B 102 32.31 4.83 -3.87
CA SER B 102 31.64 5.76 -2.95
C SER B 102 31.88 5.40 -1.49
N ILE B 103 31.79 4.12 -1.18
CA ILE B 103 32.00 3.68 0.20
C ILE B 103 33.47 3.61 0.59
N SER B 104 34.32 3.01 -0.23
CA SER B 104 35.74 2.94 0.10
C SER B 104 36.27 4.32 0.44
N GLY B 105 35.98 5.29 -0.42
CA GLY B 105 36.44 6.64 -0.17
C GLY B 105 35.91 7.20 1.14
N HIS B 106 34.64 6.93 1.42
CA HIS B 106 33.99 7.39 2.64
C HIS B 106 34.65 6.75 3.88
N ALA B 107 34.95 5.47 3.80
CA ALA B 107 35.57 4.76 4.92
C ALA B 107 36.90 5.38 5.27
N ARG B 108 37.67 5.74 4.25
CA ARG B 108 38.97 6.34 4.47
C ARG B 108 38.88 7.42 5.53
N VAL B 109 37.91 8.32 5.38
CA VAL B 109 37.77 9.42 6.33
C VAL B 109 36.97 9.07 7.59
N HIS B 110 36.09 8.08 7.52
CA HIS B 110 35.29 7.69 8.68
C HIS B 110 35.20 6.17 8.78
N PRO B 111 36.33 5.51 9.06
CA PRO B 111 36.45 4.05 9.18
C PRO B 111 35.46 3.38 10.12
N ASP B 112 34.69 4.18 10.84
CA ASP B 112 33.71 3.63 11.78
C ASP B 112 32.26 3.69 11.28
N LEU B 113 32.06 4.25 10.09
CA LEU B 113 30.73 4.37 9.51
C LEU B 113 29.94 3.06 9.42
N CYS B 114 28.63 3.19 9.25
CA CYS B 114 27.76 2.03 9.07
C CYS B 114 27.10 2.24 7.72
N VAL B 115 26.59 1.17 7.13
CA VAL B 115 25.95 1.29 5.85
C VAL B 115 24.52 0.78 5.85
N ILE B 116 23.60 1.61 5.39
CA ILE B 116 22.18 1.25 5.28
C ILE B 116 21.95 1.05 3.76
N TRP B 117 21.68 -0.20 3.39
CA TRP B 117 21.50 -0.57 1.98
C TRP B 117 20.05 -0.83 1.57
N VAL B 118 19.38 0.15 0.98
CA VAL B 118 18.00 -0.08 0.52
C VAL B 118 18.11 -0.46 -0.93
N ASP B 119 17.76 -1.70 -1.20
CA ASP B 119 17.85 -2.28 -2.52
C ASP B 119 16.88 -3.44 -2.46
N ALA B 120 16.52 -3.99 -3.62
CA ALA B 120 15.61 -5.11 -3.66
C ALA B 120 16.47 -6.35 -3.65
N HIS B 121 17.77 -6.12 -3.90
CA HIS B 121 18.79 -7.17 -3.94
C HIS B 121 19.87 -6.93 -2.91
N THR B 122 20.72 -7.93 -2.72
CA THR B 122 21.81 -7.84 -1.75
C THR B 122 23.10 -7.37 -2.42
N ASP B 123 23.26 -7.70 -3.70
CA ASP B 123 24.44 -7.32 -4.46
C ASP B 123 25.71 -7.80 -3.77
N ILE B 124 25.64 -8.98 -3.18
CA ILE B 124 26.77 -9.51 -2.43
C ILE B 124 27.35 -10.80 -3.05
N ASN B 125 27.18 -10.96 -4.35
CA ASN B 125 27.72 -12.12 -5.04
C ASN B 125 29.24 -11.94 -5.17
N THR B 126 30.02 -12.98 -4.88
CA THR B 126 31.46 -12.88 -5.05
C THR B 126 31.70 -13.31 -6.48
N PRO B 127 32.80 -12.87 -7.08
CA PRO B 127 33.10 -13.25 -8.47
C PRO B 127 32.96 -14.76 -8.71
N LEU B 128 32.79 -15.51 -7.62
CA LEU B 128 32.65 -16.96 -7.68
C LEU B 128 31.19 -17.42 -7.62
N THR B 129 30.30 -16.52 -7.25
CA THR B 129 28.86 -16.85 -7.14
C THR B 129 27.93 -16.24 -8.20
N THR B 130 28.36 -15.19 -8.87
CA THR B 130 27.52 -14.55 -9.89
C THR B 130 27.14 -15.45 -11.03
N SER B 131 25.93 -15.28 -11.53
CA SER B 131 25.44 -16.02 -12.69
C SER B 131 25.87 -15.24 -13.91
N SER B 132 25.80 -13.95 -13.75
CA SER B 132 26.13 -13.00 -14.79
C SER B 132 27.42 -12.30 -14.34
N GLY B 133 28.32 -12.01 -15.25
CA GLY B 133 29.58 -11.39 -14.84
C GLY B 133 29.38 -9.99 -14.28
N ASN B 134 28.11 -9.57 -14.18
CA ASN B 134 27.73 -8.24 -13.70
C ASN B 134 28.25 -7.82 -12.33
N LEU B 135 29.10 -6.79 -12.33
CA LEU B 135 29.69 -6.29 -11.11
C LEU B 135 28.71 -5.51 -10.25
N HIS B 136 27.66 -4.97 -10.86
CA HIS B 136 26.68 -4.21 -10.08
C HIS B 136 25.97 -5.11 -9.09
N GLY B 137 26.26 -6.41 -9.14
CA GLY B 137 25.64 -7.34 -8.23
C GLY B 137 26.63 -7.90 -7.23
N GLN B 138 27.85 -7.37 -7.24
CA GLN B 138 28.90 -7.83 -6.33
C GLN B 138 29.53 -6.78 -5.41
N PRO B 139 29.07 -5.52 -5.47
CA PRO B 139 29.57 -4.41 -4.65
C PRO B 139 29.91 -4.71 -3.19
N VAL B 140 28.95 -5.25 -2.46
CA VAL B 140 29.16 -5.53 -1.05
C VAL B 140 30.31 -6.50 -0.81
N ALA B 141 30.49 -7.47 -1.71
CA ALA B 141 31.55 -8.47 -1.58
C ALA B 141 32.94 -7.84 -1.53
N PHE B 142 33.15 -6.79 -2.34
CA PHE B 142 34.43 -6.10 -2.38
C PHE B 142 34.63 -5.19 -1.19
N LEU B 143 33.60 -4.99 -0.38
CA LEU B 143 33.71 -4.09 0.76
C LEU B 143 33.75 -4.80 2.12
N LEU B 144 33.22 -6.02 2.16
CA LEU B 144 33.21 -6.79 3.39
C LEU B 144 34.56 -7.40 3.70
N LYS B 145 34.97 -7.21 4.96
CA LYS B 145 36.22 -7.75 5.44
C LYS B 145 36.11 -9.27 5.48
N GLU B 146 35.03 -9.77 6.05
CA GLU B 146 34.79 -11.20 6.18
C GLU B 146 34.83 -11.96 4.85
N LEU B 147 34.79 -11.24 3.73
CA LEU B 147 34.82 -11.88 2.42
C LEU B 147 36.18 -11.78 1.79
N LYS B 148 37.11 -11.16 2.50
CA LYS B 148 38.47 -11.01 2.00
C LYS B 148 39.13 -12.36 1.71
N GLY B 149 39.57 -12.54 0.46
CA GLY B 149 40.22 -13.77 0.08
C GLY B 149 39.28 -14.90 -0.31
N LYS B 150 38.00 -14.73 0.00
CA LYS B 150 36.99 -15.73 -0.31
C LYS B 150 36.72 -15.82 -1.82
N PHE B 151 37.48 -15.05 -2.59
CA PHE B 151 37.36 -15.03 -4.05
C PHE B 151 38.62 -14.46 -4.69
N PRO B 152 38.98 -14.94 -5.90
CA PRO B 152 40.17 -14.43 -6.57
C PRO B 152 40.23 -12.91 -6.66
N ASP B 153 41.45 -12.39 -6.72
CA ASP B 153 41.66 -10.96 -6.83
C ASP B 153 41.10 -10.57 -8.18
N VAL B 154 40.67 -9.34 -8.32
CA VAL B 154 40.09 -8.93 -9.59
C VAL B 154 40.81 -7.79 -10.29
N PRO B 155 41.11 -7.98 -11.59
CA PRO B 155 41.79 -7.02 -12.45
C PRO B 155 41.32 -5.58 -12.31
N GLY B 156 41.91 -4.83 -11.38
CA GLY B 156 41.55 -3.44 -11.20
C GLY B 156 41.05 -3.05 -9.83
N PHE B 157 40.67 -4.04 -9.02
CA PHE B 157 40.16 -3.81 -7.67
C PHE B 157 41.23 -4.06 -6.61
N SER B 158 42.47 -4.16 -7.06
CA SER B 158 43.60 -4.37 -6.18
C SER B 158 43.59 -3.32 -5.06
N TRP B 159 43.39 -2.06 -5.46
CA TRP B 159 43.34 -0.89 -4.57
C TRP B 159 42.27 -0.88 -3.47
N VAL B 160 41.29 -1.76 -3.58
CA VAL B 160 40.21 -1.81 -2.59
C VAL B 160 40.61 -2.52 -1.32
N THR B 161 40.19 -1.97 -0.18
CA THR B 161 40.51 -2.53 1.13
C THR B 161 39.26 -2.76 1.97
N PRO B 162 38.75 -4.01 2.02
CA PRO B 162 37.55 -4.31 2.81
C PRO B 162 37.48 -3.48 4.07
N CYS B 163 36.68 -2.41 3.98
CA CYS B 163 36.48 -1.43 5.05
C CYS B 163 35.50 -1.80 6.17
N ILE B 164 34.33 -2.30 5.82
CA ILE B 164 33.36 -2.63 6.85
C ILE B 164 33.12 -4.13 6.98
N SER B 165 32.63 -4.52 8.15
CA SER B 165 32.34 -5.91 8.42
C SER B 165 30.82 -6.12 8.34
N ALA B 166 30.39 -7.36 8.43
CA ALA B 166 28.98 -7.72 8.36
C ALA B 166 28.17 -7.22 9.55
N LYS B 167 28.84 -6.63 10.53
CA LYS B 167 28.14 -6.13 11.70
C LYS B 167 27.83 -4.65 11.59
N ASP B 168 28.30 -4.03 10.52
CA ASP B 168 28.09 -2.60 10.32
C ASP B 168 27.15 -2.24 9.14
N ILE B 169 26.63 -3.26 8.46
CA ILE B 169 25.72 -3.04 7.35
C ILE B 169 24.35 -3.62 7.62
N VAL B 170 23.32 -2.96 7.08
CA VAL B 170 21.94 -3.40 7.22
C VAL B 170 21.16 -3.21 5.90
N TYR B 171 20.57 -4.29 5.44
CA TYR B 171 19.78 -4.26 4.22
C TYR B 171 18.36 -3.85 4.52
N ILE B 172 17.67 -3.36 3.49
CA ILE B 172 16.27 -2.97 3.61
C ILE B 172 15.63 -3.06 2.24
N GLY B 173 14.64 -3.95 2.13
CA GLY B 173 13.89 -4.14 0.90
C GLY B 173 14.22 -5.37 0.07
N LEU B 174 14.99 -6.28 0.63
CA LEU B 174 15.39 -7.45 -0.11
C LEU B 174 14.19 -8.25 -0.56
N ARG B 175 14.24 -8.72 -1.81
CA ARG B 175 13.16 -9.54 -2.32
C ARG B 175 13.58 -10.46 -3.49
N ASP B 176 14.77 -10.25 -4.03
CA ASP B 176 15.24 -11.09 -5.13
C ASP B 176 16.68 -11.50 -4.80
N VAL B 177 16.81 -12.55 -4.01
CA VAL B 177 18.12 -13.02 -3.60
C VAL B 177 18.57 -14.34 -4.24
N ASP B 178 19.80 -14.36 -4.74
CA ASP B 178 20.34 -15.54 -5.37
C ASP B 178 20.74 -16.47 -4.23
N PRO B 179 20.73 -17.79 -4.48
CA PRO B 179 21.09 -18.81 -3.48
C PRO B 179 22.45 -18.55 -2.84
N GLY B 180 23.42 -18.18 -3.68
CA GLY B 180 24.75 -17.88 -3.18
C GLY B 180 24.70 -16.72 -2.24
N GLU B 181 23.95 -15.69 -2.64
CA GLU B 181 23.79 -14.50 -1.83
C GLU B 181 23.12 -14.82 -0.50
N HIS B 182 22.10 -15.66 -0.51
CA HIS B 182 21.41 -16.01 0.73
C HIS B 182 22.35 -16.75 1.68
N TYR B 183 23.12 -17.68 1.11
CA TYR B 183 24.09 -18.47 1.86
C TYR B 183 24.95 -17.50 2.67
N ILE B 184 25.67 -16.66 1.94
CA ILE B 184 26.56 -15.65 2.53
C ILE B 184 26.00 -14.82 3.68
N ILE B 185 24.96 -14.04 3.41
CA ILE B 185 24.36 -13.18 4.42
C ILE B 185 23.90 -13.96 5.65
N LYS B 186 23.50 -15.22 5.44
CA LYS B 186 23.06 -16.08 6.54
C LYS B 186 24.28 -16.58 7.30
N THR B 187 25.35 -16.86 6.55
CA THR B 187 26.61 -17.35 7.10
C THR B 187 27.35 -16.25 7.88
N LEU B 188 27.39 -15.04 7.32
CA LEU B 188 28.06 -13.92 7.98
C LEU B 188 27.16 -13.20 8.96
N GLY B 189 26.00 -13.80 9.25
CA GLY B 189 25.06 -13.20 10.17
C GLY B 189 24.87 -11.70 9.96
N ILE B 190 24.48 -11.31 8.74
CA ILE B 190 24.26 -9.90 8.41
C ILE B 190 22.80 -9.52 8.68
N LYS B 191 22.63 -8.38 9.35
CA LYS B 191 21.31 -7.87 9.69
C LYS B 191 20.62 -7.42 8.40
N TYR B 192 19.33 -7.71 8.29
CA TYR B 192 18.60 -7.32 7.11
C TYR B 192 17.09 -7.29 7.37
N PHE B 193 16.38 -6.58 6.51
CA PHE B 193 14.94 -6.48 6.62
C PHE B 193 14.41 -6.64 5.21
N SER B 194 14.02 -7.86 4.88
CA SER B 194 13.49 -8.15 3.57
C SER B 194 12.04 -7.69 3.61
N MET B 195 11.39 -7.63 2.46
CA MET B 195 10.02 -7.18 2.45
C MET B 195 9.18 -8.00 3.43
N THR B 196 9.52 -9.26 3.67
CA THR B 196 8.70 -10.01 4.62
C THR B 196 8.84 -9.42 6.03
N GLU B 197 10.02 -8.90 6.39
CA GLU B 197 10.18 -8.31 7.72
C GLU B 197 9.46 -6.97 7.77
N VAL B 198 9.59 -6.20 6.71
CA VAL B 198 8.93 -4.92 6.61
C VAL B 198 7.42 -5.16 6.76
N ASP B 199 6.94 -6.22 6.14
CA ASP B 199 5.52 -6.52 6.21
C ASP B 199 5.12 -6.81 7.62
N LYS B 200 5.93 -7.63 8.28
CA LYS B 200 5.67 -8.01 9.66
C LYS B 200 5.74 -6.81 10.62
N LEU B 201 6.88 -6.12 10.63
CA LEU B 201 7.09 -4.99 11.55
C LEU B 201 6.58 -3.59 11.18
N GLY B 202 6.59 -3.26 9.90
CA GLY B 202 6.16 -1.95 9.49
C GLY B 202 7.42 -1.13 9.39
N ILE B 203 7.47 -0.20 8.44
CA ILE B 203 8.67 0.61 8.28
C ILE B 203 8.99 1.34 9.58
N GLY B 204 7.99 1.50 10.45
CA GLY B 204 8.21 2.20 11.70
C GLY B 204 9.26 1.46 12.51
N LYS B 205 8.88 0.27 12.98
CA LYS B 205 9.74 -0.58 13.77
C LYS B 205 11.06 -0.90 13.05
N VAL B 206 11.00 -1.11 11.74
CA VAL B 206 12.19 -1.41 10.95
C VAL B 206 13.32 -0.43 11.19
N MET B 207 13.05 0.85 10.91
CA MET B 207 14.04 1.91 11.09
C MET B 207 14.49 1.99 12.55
N GLU B 208 13.53 1.83 13.45
CA GLU B 208 13.76 1.86 14.89
C GLU B 208 14.80 0.80 15.21
N GLU B 209 14.57 -0.43 14.72
CA GLU B 209 15.49 -1.53 14.95
C GLU B 209 16.84 -1.39 14.26
N THR B 210 16.88 -0.95 13.00
CA THR B 210 18.17 -0.82 12.35
C THR B 210 19.00 0.24 13.06
N PHE B 211 18.35 1.27 13.59
CA PHE B 211 19.09 2.32 14.30
C PHE B 211 19.69 1.82 15.61
N SER B 212 18.90 1.08 16.38
CA SER B 212 19.43 0.54 17.62
C SER B 212 20.60 -0.41 17.27
N TYR B 213 20.38 -1.28 16.29
CA TYR B 213 21.39 -2.24 15.87
C TYR B 213 22.69 -1.60 15.43
N LEU B 214 22.62 -0.60 14.57
CA LEU B 214 23.82 0.05 14.07
C LEU B 214 24.33 1.21 14.89
N LEU B 215 23.48 1.79 15.72
CA LEU B 215 23.90 2.94 16.53
C LEU B 215 23.65 2.77 18.02
N GLY B 216 23.37 1.54 18.44
CA GLY B 216 23.11 1.28 19.85
C GLY B 216 24.26 1.69 20.75
N ARG B 217 25.40 1.03 20.56
CA ARG B 217 26.60 1.32 21.35
C ARG B 217 27.18 2.69 21.03
N LYS B 218 27.85 2.79 19.88
CA LYS B 218 28.45 4.05 19.48
C LYS B 218 27.63 4.69 18.36
N LYS B 219 27.72 6.02 18.30
CA LYS B 219 27.04 6.78 17.26
C LYS B 219 28.06 7.01 16.16
N ARG B 220 27.89 6.37 15.01
CA ARG B 220 28.83 6.57 13.92
C ARG B 220 28.21 7.24 12.71
N PRO B 221 29.03 7.56 11.71
CA PRO B 221 28.50 8.20 10.50
C PRO B 221 27.66 7.21 9.68
N ILE B 222 26.61 7.71 9.03
CA ILE B 222 25.76 6.84 8.21
C ILE B 222 25.97 7.03 6.71
N HIS B 223 26.04 5.90 6.02
CA HIS B 223 26.21 5.90 4.58
C HIS B 223 24.96 5.25 4.00
N LEU B 224 24.11 6.05 3.36
CA LEU B 224 22.88 5.54 2.76
C LEU B 224 23.13 5.22 1.29
N SER B 225 23.10 3.94 0.96
CA SER B 225 23.31 3.51 -0.43
C SER B 225 21.95 3.06 -0.91
N PHE B 226 21.29 3.94 -1.64
CA PHE B 226 19.95 3.69 -2.11
C PHE B 226 19.85 3.19 -3.54
N ASP B 227 19.45 1.93 -3.71
CA ASP B 227 19.27 1.39 -5.04
C ASP B 227 17.83 1.75 -5.34
N VAL B 228 17.61 2.45 -6.46
CA VAL B 228 16.26 2.86 -6.81
C VAL B 228 15.26 1.70 -6.98
N ASP B 229 15.74 0.51 -7.33
CA ASP B 229 14.84 -0.63 -7.48
C ASP B 229 14.33 -1.12 -6.14
N GLY B 230 14.67 -0.37 -5.10
CA GLY B 230 14.21 -0.72 -3.77
C GLY B 230 12.71 -0.43 -3.69
N LEU B 231 12.24 0.55 -4.45
CA LEU B 231 10.80 0.84 -4.40
C LEU B 231 10.10 0.01 -5.44
N ASP B 232 8.82 -0.26 -5.21
CA ASP B 232 8.01 -1.04 -6.16
C ASP B 232 8.07 -0.39 -7.54
N PRO B 233 8.12 -1.22 -8.61
CA PRO B 233 8.18 -0.77 -10.02
C PRO B 233 7.19 0.36 -10.30
N VAL B 234 6.04 0.29 -9.64
CA VAL B 234 5.00 1.32 -9.72
C VAL B 234 5.48 2.72 -9.32
N PHE B 235 6.70 2.86 -8.80
CA PHE B 235 7.16 4.20 -8.38
C PHE B 235 8.45 4.55 -9.10
N THR B 236 9.27 3.52 -9.31
CA THR B 236 10.56 3.69 -9.95
C THR B 236 10.64 2.60 -11.02
N PRO B 237 9.74 2.68 -12.02
CA PRO B 237 9.74 1.68 -13.10
C PRO B 237 10.99 1.69 -13.98
N ALA B 238 11.58 2.87 -14.19
CA ALA B 238 12.79 3.00 -15.02
C ALA B 238 14.10 2.48 -14.40
N THR B 239 14.18 1.16 -14.15
CA THR B 239 15.41 0.58 -13.61
C THR B 239 15.67 -0.73 -14.34
N GLY B 240 16.90 -1.22 -14.22
CA GLY B 240 17.27 -2.43 -14.91
C GLY B 240 16.72 -3.69 -14.30
N THR B 241 16.60 -3.75 -12.98
CA THR B 241 16.10 -4.95 -12.32
C THR B 241 14.76 -4.83 -11.60
N PRO B 242 13.72 -4.29 -12.27
CA PRO B 242 12.45 -4.17 -11.55
C PRO B 242 11.98 -5.46 -10.92
N VAL B 243 11.56 -5.38 -9.66
CA VAL B 243 11.07 -6.55 -8.92
C VAL B 243 9.83 -6.12 -8.16
N VAL B 244 8.71 -6.77 -8.46
CA VAL B 244 7.42 -6.47 -7.85
C VAL B 244 7.32 -6.68 -6.34
N GLY B 245 6.38 -5.96 -5.74
CA GLY B 245 6.15 -6.06 -4.33
C GLY B 245 7.24 -5.44 -3.48
N GLY B 246 7.68 -4.27 -3.91
CA GLY B 246 8.72 -3.57 -3.18
C GLY B 246 8.25 -2.44 -2.29
N LEU B 247 9.22 -1.62 -1.88
CA LEU B 247 8.95 -0.51 -0.99
C LEU B 247 8.03 0.52 -1.61
N SER B 248 7.03 0.94 -0.84
CA SER B 248 6.08 1.93 -1.33
C SER B 248 6.73 3.30 -1.28
N TYR B 249 6.26 4.22 -2.11
CA TYR B 249 6.80 5.58 -2.12
C TYR B 249 6.87 6.09 -0.70
N ARG B 250 5.80 5.89 0.07
CA ARG B 250 5.78 6.36 1.47
C ARG B 250 6.93 5.74 2.28
N GLU B 251 6.98 4.42 2.29
CA GLU B 251 8.02 3.67 2.98
C GLU B 251 9.39 4.24 2.62
N GLY B 252 9.59 4.53 1.35
CA GLY B 252 10.85 5.07 0.90
C GLY B 252 11.14 6.40 1.56
N LEU B 253 10.16 7.26 1.60
CA LEU B 253 10.37 8.56 2.19
C LEU B 253 10.51 8.46 3.69
N TYR B 254 9.75 7.55 4.31
CA TYR B 254 9.84 7.42 5.75
C TYR B 254 11.28 7.12 6.11
N ILE B 255 11.87 6.19 5.37
CA ILE B 255 13.24 5.83 5.61
C ILE B 255 14.15 7.03 5.56
N THR B 256 14.23 7.65 4.40
CA THR B 256 15.08 8.82 4.20
C THR B 256 14.88 9.91 5.28
N GLU B 257 13.66 10.07 5.79
CA GLU B 257 13.34 11.09 6.80
C GLU B 257 13.87 10.75 8.17
N GLU B 258 13.77 9.47 8.54
CA GLU B 258 14.28 9.04 9.83
C GLU B 258 15.80 9.22 9.87
N ILE B 259 16.46 8.84 8.76
CA ILE B 259 17.90 8.97 8.67
C ILE B 259 18.27 10.45 8.77
N TYR B 260 17.38 11.29 8.28
CA TYR B 260 17.65 12.72 8.35
C TYR B 260 17.67 13.10 9.81
N LYS B 261 16.65 12.62 10.54
CA LYS B 261 16.47 12.89 11.95
C LYS B 261 17.57 12.39 12.89
N THR B 262 18.44 11.52 12.39
CA THR B 262 19.54 11.02 13.23
C THR B 262 20.64 12.05 13.15
N GLY B 263 20.65 12.81 12.05
CA GLY B 263 21.67 13.82 11.86
C GLY B 263 23.01 13.19 11.60
N LEU B 264 23.02 11.88 11.38
CA LEU B 264 24.27 11.16 11.12
C LEU B 264 24.49 10.83 9.66
N LEU B 265 23.81 11.52 8.75
CA LEU B 265 24.00 11.23 7.34
C LEU B 265 25.29 11.84 6.84
N SER B 266 26.22 10.96 6.52
CA SER B 266 27.51 11.39 6.02
C SER B 266 27.62 11.18 4.51
N GLY B 267 27.24 9.99 4.04
CA GLY B 267 27.32 9.70 2.61
C GLY B 267 26.03 9.16 2.04
N LEU B 268 25.76 9.49 0.77
CA LEU B 268 24.52 9.04 0.11
C LEU B 268 24.76 8.60 -1.32
N ASP B 269 24.08 7.52 -1.72
CA ASP B 269 24.16 7.02 -3.10
C ASP B 269 22.75 6.93 -3.69
N ILE B 270 22.56 7.54 -4.85
CA ILE B 270 21.27 7.46 -5.55
C ILE B 270 21.57 6.68 -6.83
N MET B 271 21.41 5.37 -6.79
CA MET B 271 21.77 4.55 -7.93
C MET B 271 20.67 3.89 -8.75
N GLU B 272 21.09 3.41 -9.91
CA GLU B 272 20.30 2.66 -10.88
C GLU B 272 19.20 3.35 -11.70
N VAL B 273 18.99 4.64 -11.50
CA VAL B 273 17.97 5.31 -12.28
C VAL B 273 18.40 5.27 -13.76
N ASN B 274 17.62 4.60 -14.59
CA ASN B 274 17.93 4.51 -16.01
C ASN B 274 16.82 5.18 -16.81
N PRO B 275 17.09 6.39 -17.30
CA PRO B 275 16.11 7.16 -18.07
C PRO B 275 15.60 6.46 -19.35
N THR B 276 16.47 5.70 -19.97
CA THR B 276 16.11 5.03 -21.21
C THR B 276 15.20 3.84 -21.04
N LEU B 277 15.02 3.35 -19.82
CA LEU B 277 14.18 2.18 -19.61
C LEU B 277 12.71 2.42 -19.26
N GLY B 278 12.22 3.63 -19.53
CA GLY B 278 10.83 3.90 -19.25
C GLY B 278 9.93 3.63 -20.45
N LYS B 279 8.92 2.79 -20.25
CA LYS B 279 7.96 2.46 -21.32
C LYS B 279 7.20 3.70 -21.82
N THR B 280 7.03 4.68 -20.95
CA THR B 280 6.35 5.92 -21.33
C THR B 280 7.05 7.01 -20.55
N PRO B 281 7.34 8.13 -21.23
CA PRO B 281 8.01 9.28 -20.60
C PRO B 281 7.58 9.46 -19.15
N GLU B 282 6.32 9.16 -18.89
CA GLU B 282 5.78 9.28 -17.53
C GLU B 282 6.62 8.41 -16.58
N GLU B 283 6.83 7.16 -16.97
CA GLU B 283 7.58 6.23 -16.16
C GLU B 283 8.95 6.75 -15.76
N VAL B 284 9.56 7.54 -16.64
CA VAL B 284 10.87 8.13 -16.39
C VAL B 284 10.74 9.37 -15.52
N THR B 285 9.73 10.18 -15.83
CA THR B 285 9.50 11.39 -15.06
C THR B 285 9.28 10.98 -13.64
N ARG B 286 8.44 9.96 -13.48
CA ARG B 286 8.04 9.35 -12.20
C ARG B 286 9.25 8.85 -11.45
N THR B 287 10.01 7.95 -12.08
CA THR B 287 11.21 7.40 -11.46
C THR B 287 12.08 8.56 -10.94
N VAL B 288 12.59 9.38 -11.84
CA VAL B 288 13.43 10.51 -11.47
C VAL B 288 12.90 11.35 -10.33
N ASN B 289 11.66 11.80 -10.49
CA ASN B 289 11.04 12.63 -9.51
C ASN B 289 11.11 12.10 -8.11
N THR B 290 10.81 10.82 -7.92
CA THR B 290 10.87 10.31 -6.55
C THR B 290 12.33 10.18 -6.15
N ALA B 291 13.23 9.95 -7.11
CA ALA B 291 14.63 9.84 -6.74
C ALA B 291 14.97 11.16 -6.08
N VAL B 292 14.70 12.26 -6.77
CA VAL B 292 14.99 13.56 -6.20
C VAL B 292 14.35 13.70 -4.82
N ALA B 293 13.11 13.27 -4.71
CA ALA B 293 12.39 13.36 -3.46
C ALA B 293 13.10 12.65 -2.31
N LEU B 294 13.59 11.45 -2.58
CA LEU B 294 14.28 10.67 -1.56
C LEU B 294 15.50 11.44 -1.10
N THR B 295 16.10 12.15 -2.05
CA THR B 295 17.29 12.95 -1.81
C THR B 295 17.02 14.14 -0.91
N LEU B 296 16.06 14.96 -1.31
CA LEU B 296 15.69 16.14 -0.57
C LEU B 296 15.23 15.73 0.81
N SER B 297 14.63 14.55 0.90
CA SER B 297 14.15 14.04 2.17
C SER B 297 15.33 13.87 3.11
N CYS B 298 16.35 13.15 2.63
CA CYS B 298 17.57 12.91 3.39
C CYS B 298 18.09 14.19 4.00
N PHE B 299 18.01 15.26 3.23
CA PHE B 299 18.50 16.54 3.69
C PHE B 299 17.49 17.49 4.32
N GLY B 300 16.43 16.95 4.92
CA GLY B 300 15.49 17.84 5.57
C GLY B 300 14.04 17.80 5.21
N THR B 301 13.71 18.08 3.95
CA THR B 301 12.33 18.10 3.52
C THR B 301 11.44 17.06 4.21
N LYS B 302 10.55 17.54 5.07
CA LYS B 302 9.63 16.67 5.80
C LYS B 302 8.27 16.66 5.11
N ARG B 303 7.54 15.59 5.30
CA ARG B 303 6.24 15.52 4.67
C ARG B 303 5.23 16.31 5.46
N GLU B 304 5.63 16.68 6.69
CA GLU B 304 4.75 17.47 7.56
C GLU B 304 4.95 18.96 7.29
N GLY B 305 5.95 19.30 6.48
CA GLY B 305 6.21 20.69 6.17
C GLY B 305 7.46 21.18 6.85
N ASN B 306 8.00 22.31 6.38
CA ASN B 306 9.20 22.91 6.94
C ASN B 306 9.07 24.44 6.93
N HIS B 307 9.55 25.10 7.98
CA HIS B 307 9.50 26.57 8.00
C HIS B 307 10.83 27.15 8.44
N LYS B 308 11.25 28.24 7.82
CA LYS B 308 12.51 28.88 8.14
C LYS B 308 12.52 29.49 9.53
N PRO B 309 13.54 29.13 10.31
CA PRO B 309 13.75 29.66 11.69
C PRO B 309 13.86 31.16 11.77
N GLU B 310 13.49 31.73 12.91
CA GLU B 310 13.63 33.18 13.06
C GLU B 310 12.85 33.96 12.02
N THR B 311 11.80 33.36 11.52
CA THR B 311 10.97 34.14 10.67
C THR B 311 9.55 34.01 11.21
N ASP B 312 8.94 35.15 11.52
CA ASP B 312 7.57 35.19 11.99
C ASP B 312 6.69 35.45 10.77
N TYR B 313 6.13 34.36 10.24
CA TYR B 313 5.27 34.42 9.08
C TYR B 313 3.99 35.19 9.39
N LEU B 314 3.76 35.45 10.67
CA LEU B 314 2.58 36.18 11.11
C LEU B 314 2.94 37.65 11.29
N LYS C 1 -31.36 7.89 14.34
CA LYS C 1 -30.77 9.24 14.07
C LYS C 1 -31.08 9.72 12.66
N PRO C 2 -31.09 11.04 12.45
CA PRO C 2 -31.38 11.57 11.11
C PRO C 2 -30.17 12.19 10.42
N ILE C 3 -30.19 12.13 9.09
CA ILE C 3 -29.10 12.66 8.27
C ILE C 3 -29.65 13.69 7.30
N GLU C 4 -28.95 14.82 7.17
CA GLU C 4 -29.41 15.82 6.23
C GLU C 4 -28.30 16.17 5.26
N ILE C 5 -28.48 15.76 4.00
CA ILE C 5 -27.52 16.04 2.95
C ILE C 5 -27.71 17.47 2.51
N ILE C 6 -26.61 18.18 2.30
CA ILE C 6 -26.68 19.57 1.89
C ILE C 6 -25.66 19.82 0.82
N GLY C 7 -26.12 20.14 -0.38
CA GLY C 7 -25.17 20.40 -1.45
C GLY C 7 -24.61 21.79 -1.29
N ALA C 8 -23.34 21.98 -1.63
CA ALA C 8 -22.71 23.29 -1.54
C ALA C 8 -21.93 23.56 -2.83
N PRO C 9 -22.61 23.52 -3.97
CA PRO C 9 -22.01 23.74 -5.30
C PRO C 9 -21.23 25.04 -5.45
N PHE C 10 -20.16 25.17 -4.67
CA PHE C 10 -19.38 26.38 -4.71
C PHE C 10 -18.02 26.10 -5.30
N SER C 11 -17.36 27.12 -5.83
CA SER C 11 -16.04 26.90 -6.41
C SER C 11 -15.12 28.12 -6.39
N LYS C 12 -15.64 29.26 -5.95
CA LYS C 12 -14.82 30.47 -5.91
C LYS C 12 -13.66 30.36 -4.91
N GLY C 13 -13.66 29.30 -4.10
CA GLY C 13 -12.61 29.12 -3.13
C GLY C 13 -11.27 28.87 -3.78
N GLN C 14 -11.30 28.41 -5.03
CA GLN C 14 -10.09 28.11 -5.80
C GLN C 14 -10.26 28.42 -7.29
N PRO C 15 -9.15 28.42 -8.06
CA PRO C 15 -9.09 28.70 -9.49
C PRO C 15 -9.48 27.70 -10.59
N ARG C 16 -9.83 26.46 -10.24
CA ARG C 16 -10.20 25.48 -11.27
C ARG C 16 -11.72 25.23 -11.27
N GLY C 17 -12.34 25.42 -12.42
CA GLY C 17 -13.78 25.23 -12.52
C GLY C 17 -14.16 23.77 -12.50
N GLY C 18 -15.30 23.46 -11.90
CA GLY C 18 -15.72 22.07 -11.86
C GLY C 18 -16.21 21.59 -10.52
N VAL C 19 -15.52 21.97 -9.44
CA VAL C 19 -15.90 21.53 -8.10
C VAL C 19 -17.38 21.75 -7.74
N GLU C 20 -18.01 22.76 -8.32
CA GLU C 20 -19.42 23.03 -8.03
C GLU C 20 -20.26 21.83 -8.40
N LYS C 21 -19.87 21.18 -9.50
CA LYS C 21 -20.57 20.00 -10.01
C LYS C 21 -20.43 18.80 -9.07
N GLY C 22 -19.58 18.95 -8.05
CA GLY C 22 -19.36 17.86 -7.13
C GLY C 22 -20.62 17.21 -6.60
N PRO C 23 -21.49 17.95 -5.90
CA PRO C 23 -22.72 17.38 -5.35
C PRO C 23 -23.55 16.62 -6.37
N ALA C 24 -23.67 17.17 -7.56
CA ALA C 24 -24.43 16.53 -8.63
C ALA C 24 -23.84 15.13 -8.88
N ALA C 25 -22.53 15.09 -9.13
CA ALA C 25 -21.81 13.85 -9.38
C ALA C 25 -22.05 12.82 -8.28
N LEU C 26 -21.93 13.23 -7.03
CA LEU C 26 -22.13 12.33 -5.88
C LEU C 26 -23.56 11.80 -5.80
N ARG C 27 -24.51 12.70 -6.05
CA ARG C 27 -25.91 12.35 -6.03
C ARG C 27 -26.18 11.37 -7.15
N LYS C 28 -25.67 11.71 -8.33
CA LYS C 28 -25.82 10.88 -9.51
C LYS C 28 -25.25 9.48 -9.25
N ALA C 29 -24.27 9.39 -8.35
CA ALA C 29 -23.66 8.12 -8.00
C ALA C 29 -24.54 7.36 -7.02
N GLY C 30 -25.70 7.92 -6.71
CA GLY C 30 -26.62 7.25 -5.80
C GLY C 30 -26.25 7.35 -4.33
N LEU C 31 -25.70 8.49 -3.93
CA LEU C 31 -25.31 8.69 -2.55
C LEU C 31 -26.51 8.62 -1.64
N VAL C 32 -27.50 9.44 -1.93
CA VAL C 32 -28.74 9.52 -1.18
C VAL C 32 -29.37 8.14 -1.04
N GLU C 33 -29.72 7.53 -2.17
CA GLU C 33 -30.32 6.21 -2.18
C GLU C 33 -29.57 5.27 -1.27
N LYS C 34 -28.27 5.11 -1.52
CA LYS C 34 -27.43 4.22 -0.73
C LYS C 34 -27.52 4.57 0.75
N LEU C 35 -27.35 5.85 1.06
CA LEU C 35 -27.44 6.27 2.45
C LEU C 35 -28.74 5.78 3.06
N LYS C 36 -29.84 5.91 2.34
CA LYS C 36 -31.15 5.47 2.85
C LYS C 36 -31.11 3.99 3.25
N GLU C 37 -30.38 3.19 2.49
CA GLU C 37 -30.28 1.76 2.79
C GLU C 37 -29.61 1.55 4.14
N THR C 38 -29.10 2.62 4.75
CA THR C 38 -28.46 2.50 6.05
C THR C 38 -29.49 2.56 7.15
N GLU C 39 -29.04 2.27 8.36
CA GLU C 39 -29.91 2.28 9.55
C GLU C 39 -30.33 3.71 9.89
N TYR C 40 -29.90 4.67 9.06
CA TYR C 40 -30.21 6.08 9.28
C TYR C 40 -31.35 6.63 8.42
N ASN C 41 -32.02 7.63 8.96
CA ASN C 41 -33.09 8.29 8.27
C ASN C 41 -32.43 9.43 7.52
N VAL C 42 -32.69 9.51 6.23
CA VAL C 42 -32.05 10.52 5.43
C VAL C 42 -33.03 11.50 4.77
N ARG C 43 -32.58 12.73 4.59
CA ARG C 43 -33.35 13.77 3.93
C ARG C 43 -32.39 14.65 3.17
N ASP C 44 -32.61 14.79 1.87
CA ASP C 44 -31.77 15.63 1.03
C ASP C 44 -32.33 17.04 1.17
N HIS C 45 -31.47 18.00 1.44
CA HIS C 45 -31.91 19.38 1.59
C HIS C 45 -31.58 20.13 0.30
N GLY C 46 -31.26 19.39 -0.75
CA GLY C 46 -30.96 20.00 -2.03
C GLY C 46 -29.71 20.85 -2.03
N ASP C 47 -29.36 21.39 -3.19
CA ASP C 47 -28.17 22.24 -3.33
C ASP C 47 -28.46 23.71 -3.11
N LEU C 48 -27.80 24.31 -2.12
CA LEU C 48 -27.99 25.72 -1.86
C LEU C 48 -27.65 26.51 -3.12
N ALA C 49 -28.26 27.67 -3.25
CA ALA C 49 -28.01 28.53 -4.40
C ALA C 49 -27.22 29.70 -3.90
N PHE C 50 -26.02 29.88 -4.43
CA PHE C 50 -25.18 30.97 -4.00
C PHE C 50 -25.28 32.18 -4.88
N VAL C 51 -25.67 33.30 -4.27
CA VAL C 51 -25.79 34.57 -4.97
C VAL C 51 -24.38 35.10 -5.20
N ASP C 52 -24.07 35.44 -6.45
CA ASP C 52 -22.74 35.93 -6.80
C ASP C 52 -22.60 37.42 -6.56
N VAL C 53 -21.67 37.79 -5.67
CA VAL C 53 -21.43 39.20 -5.34
C VAL C 53 -20.71 39.95 -6.44
N PRO C 54 -21.45 40.75 -7.22
CA PRO C 54 -20.86 41.52 -8.33
C PRO C 54 -19.72 42.42 -7.90
N ASN C 55 -18.73 42.53 -8.78
CA ASN C 55 -17.56 43.36 -8.51
C ASN C 55 -16.92 42.96 -7.18
N ASP C 56 -16.51 41.70 -7.09
CA ASP C 56 -15.87 41.14 -5.91
C ASP C 56 -14.37 41.35 -6.11
N SER C 57 -13.88 42.49 -5.65
CA SER C 57 -12.47 42.84 -5.81
C SER C 57 -11.57 42.05 -4.87
N PRO C 58 -10.36 41.69 -5.34
CA PRO C 58 -9.35 40.93 -4.59
C PRO C 58 -8.76 41.66 -3.40
N PHE C 59 -9.20 41.29 -2.20
CA PHE C 59 -8.68 41.88 -0.97
C PHE C 59 -7.19 41.60 -0.94
N GLN C 60 -6.39 42.59 -1.34
CA GLN C 60 -4.95 42.40 -1.39
C GLN C 60 -4.73 41.24 -2.33
N ILE C 61 -4.36 40.09 -1.77
CA ILE C 61 -4.12 38.90 -2.58
C ILE C 61 -5.35 37.99 -2.64
N VAL C 62 -6.01 37.79 -1.50
CA VAL C 62 -7.19 36.94 -1.44
C VAL C 62 -8.16 37.27 -2.58
N LYS C 63 -8.70 36.23 -3.23
CA LYS C 63 -9.62 36.42 -4.35
C LYS C 63 -11.05 36.08 -3.95
N ASN C 64 -12.02 36.71 -4.61
CA ASN C 64 -13.44 36.46 -4.34
C ASN C 64 -13.79 36.32 -2.86
N PRO C 65 -13.32 37.25 -2.02
CA PRO C 65 -13.60 37.17 -0.58
C PRO C 65 -15.08 37.29 -0.21
N ARG C 66 -15.75 38.25 -0.83
CA ARG C 66 -17.16 38.50 -0.54
C ARG C 66 -18.07 37.37 -1.00
N SER C 67 -17.76 36.81 -2.18
CA SER C 67 -18.54 35.70 -2.72
C SER C 67 -18.48 34.52 -1.74
N VAL C 68 -17.25 34.22 -1.31
CA VAL C 68 -16.94 33.14 -0.39
C VAL C 68 -17.56 33.34 0.99
N GLY C 69 -17.40 34.54 1.55
CA GLY C 69 -17.95 34.81 2.86
C GLY C 69 -19.46 34.73 2.90
N LYS C 70 -20.10 35.21 1.83
CA LYS C 70 -21.55 35.19 1.76
C LYS C 70 -22.08 33.79 1.60
N ALA C 71 -21.42 33.04 0.72
CA ALA C 71 -21.83 31.67 0.45
C ALA C 71 -21.73 30.89 1.74
N ASN C 72 -20.65 31.11 2.48
CA ASN C 72 -20.43 30.42 3.74
C ASN C 72 -21.44 30.87 4.79
N GLU C 73 -21.65 32.17 4.88
CA GLU C 73 -22.60 32.71 5.85
C GLU C 73 -23.97 32.05 5.64
N GLN C 74 -24.29 31.80 4.37
CA GLN C 74 -25.54 31.18 4.00
C GLN C 74 -25.58 29.71 4.44
N LEU C 75 -24.43 29.05 4.36
CA LEU C 75 -24.29 27.64 4.73
C LEU C 75 -24.34 27.45 6.24
N ALA C 76 -23.46 28.17 6.96
CA ALA C 76 -23.42 28.10 8.43
C ALA C 76 -24.84 28.23 8.96
N ALA C 77 -25.64 29.05 8.27
CA ALA C 77 -27.03 29.25 8.63
C ALA C 77 -27.81 27.95 8.47
N VAL C 78 -27.80 27.44 7.23
CA VAL C 78 -28.49 26.19 6.90
C VAL C 78 -28.05 25.05 7.80
N VAL C 79 -26.75 24.98 8.07
CA VAL C 79 -26.17 23.94 8.93
C VAL C 79 -26.66 24.06 10.37
N ALA C 80 -26.47 25.23 10.96
CA ALA C 80 -26.88 25.50 12.34
C ALA C 80 -28.33 25.09 12.54
N GLU C 81 -29.14 25.38 11.52
CA GLU C 81 -30.56 25.07 11.52
C GLU C 81 -30.83 23.59 11.70
N THR C 82 -30.19 22.76 10.88
CA THR C 82 -30.39 21.32 10.97
C THR C 82 -29.78 20.72 12.22
N GLN C 83 -28.61 21.24 12.61
CA GLN C 83 -27.95 20.75 13.83
C GLN C 83 -28.91 20.96 14.99
N LYS C 84 -29.50 22.14 15.04
CA LYS C 84 -30.46 22.54 16.06
C LYS C 84 -31.49 21.44 16.26
N ASN C 85 -32.06 21.01 15.14
CA ASN C 85 -33.08 19.96 15.13
C ASN C 85 -32.56 18.61 15.59
N GLY C 86 -31.25 18.50 15.76
CA GLY C 86 -30.66 17.24 16.21
C GLY C 86 -30.42 16.20 15.12
N THR C 87 -30.13 16.67 13.90
CA THR C 87 -29.88 15.77 12.76
C THR C 87 -28.41 15.90 12.35
N ILE C 88 -27.82 14.85 11.77
CA ILE C 88 -26.41 14.90 11.35
C ILE C 88 -26.26 15.55 9.99
N SER C 89 -25.46 16.62 9.93
CA SER C 89 -25.26 17.33 8.69
C SER C 89 -24.19 16.69 7.86
N VAL C 90 -24.44 16.60 6.55
CA VAL C 90 -23.51 16.03 5.59
C VAL C 90 -23.39 17.02 4.45
N VAL C 91 -22.35 17.83 4.43
CA VAL C 91 -22.22 18.78 3.35
C VAL C 91 -21.45 18.20 2.16
N LEU C 92 -22.12 18.08 1.01
CA LEU C 92 -21.47 17.61 -0.21
C LEU C 92 -21.08 18.94 -0.79
N GLY C 93 -19.81 19.15 -1.08
CA GLY C 93 -19.48 20.46 -1.59
C GLY C 93 -18.59 20.56 -2.78
N GLY C 94 -18.14 21.78 -3.01
CA GLY C 94 -17.24 22.05 -4.09
C GLY C 94 -15.91 22.07 -3.40
N ASP C 95 -15.34 23.25 -3.25
CA ASP C 95 -14.05 23.33 -2.61
C ASP C 95 -14.14 23.32 -1.08
N HIS C 96 -13.00 23.12 -0.46
CA HIS C 96 -12.87 23.04 0.98
C HIS C 96 -13.10 24.35 1.76
N SER C 97 -13.20 25.46 1.05
CA SER C 97 -13.40 26.75 1.71
C SER C 97 -14.74 26.79 2.44
N MET C 98 -15.69 26.01 1.92
CA MET C 98 -17.03 25.92 2.50
C MET C 98 -17.02 25.30 3.88
N ALA C 99 -15.84 24.86 4.30
CA ALA C 99 -15.67 24.24 5.61
C ALA C 99 -15.91 25.32 6.66
N ILE C 100 -15.51 26.55 6.33
CA ILE C 100 -15.70 27.68 7.20
C ILE C 100 -17.15 27.63 7.65
N GLY C 101 -18.05 27.83 6.69
CA GLY C 101 -19.47 27.78 6.99
C GLY C 101 -19.90 26.51 7.69
N SER C 102 -19.69 25.35 7.07
CA SER C 102 -20.09 24.06 7.64
C SER C 102 -19.73 23.92 9.13
N ILE C 103 -18.53 24.35 9.49
CA ILE C 103 -18.08 24.25 10.87
C ILE C 103 -18.66 25.36 11.74
N SER C 104 -18.62 26.61 11.28
CA SER C 104 -19.17 27.69 12.08
C SER C 104 -20.59 27.36 12.50
N GLY C 105 -21.42 26.98 11.54
CA GLY C 105 -22.78 26.62 11.86
C GLY C 105 -22.89 25.50 12.87
N HIS C 106 -22.05 24.48 12.71
CA HIS C 106 -22.04 23.32 13.60
C HIS C 106 -21.66 23.73 15.03
N ALA C 107 -20.69 24.63 15.13
CA ALA C 107 -20.19 25.11 16.43
C ALA C 107 -21.31 25.78 17.22
N ARG C 108 -22.11 26.57 16.50
CA ARG C 108 -23.21 27.28 17.11
C ARG C 108 -24.04 26.34 17.98
N VAL C 109 -24.36 25.16 17.47
CA VAL C 109 -25.16 24.21 18.23
C VAL C 109 -24.34 23.31 19.15
N HIS C 110 -23.07 23.10 18.84
CA HIS C 110 -22.23 22.26 19.69
C HIS C 110 -20.85 22.85 19.85
N PRO C 111 -20.75 24.00 20.55
CA PRO C 111 -19.50 24.73 20.81
C PRO C 111 -18.33 23.92 21.37
N ASP C 112 -18.61 22.68 21.75
CA ASP C 112 -17.57 21.83 22.31
C ASP C 112 -17.00 20.79 21.35
N LEU C 113 -17.54 20.74 20.13
CA LEU C 113 -17.09 19.77 19.13
C LEU C 113 -15.59 19.78 18.88
N CYS C 114 -15.10 18.73 18.23
CA CYS C 114 -13.71 18.62 17.84
C CYS C 114 -13.74 18.42 16.33
N VAL C 115 -12.63 18.71 15.66
CA VAL C 115 -12.55 18.57 14.22
C VAL C 115 -11.41 17.66 13.74
N ILE C 116 -11.79 16.63 12.98
CA ILE C 116 -10.85 15.68 12.40
C ILE C 116 -10.74 16.08 10.93
N TRP C 117 -9.59 16.62 10.56
CA TRP C 117 -9.34 17.10 9.20
C TRP C 117 -8.44 16.20 8.33
N VAL C 118 -9.04 15.32 7.50
CA VAL C 118 -8.26 14.46 6.58
C VAL C 118 -8.15 15.21 5.28
N ASP C 119 -6.94 15.64 4.98
CA ASP C 119 -6.64 16.42 3.81
C ASP C 119 -5.14 16.17 3.63
N ALA C 120 -4.60 16.53 2.48
CA ALA C 120 -3.19 16.34 2.20
C ALA C 120 -2.50 17.63 2.54
N HIS C 121 -3.32 18.65 2.76
CA HIS C 121 -2.83 19.98 3.12
C HIS C 121 -3.43 20.41 4.45
N THR C 122 -2.92 21.52 5.00
CA THR C 122 -3.40 22.05 6.27
C THR C 122 -4.47 23.10 6.07
N ASP C 123 -4.44 23.79 4.94
CA ASP C 123 -5.42 24.83 4.61
C ASP C 123 -5.54 25.81 5.76
N ILE C 124 -4.40 26.16 6.35
CA ILE C 124 -4.36 27.08 7.48
C ILE C 124 -3.56 28.35 7.20
N ASN C 125 -3.47 28.72 5.93
CA ASN C 125 -2.76 29.95 5.54
C ASN C 125 -3.64 31.13 5.92
N THR C 126 -3.03 32.13 6.52
CA THR C 126 -3.78 33.35 6.78
C THR C 126 -3.74 34.29 5.59
N PRO C 127 -4.69 35.13 5.40
CA PRO C 127 -4.65 36.00 4.21
C PRO C 127 -3.28 36.65 4.04
N LEU C 128 -2.43 36.53 5.07
CA LEU C 128 -1.10 37.12 5.06
C LEU C 128 -0.03 36.13 4.64
N THR C 129 -0.37 34.85 4.63
CA THR C 129 0.60 33.81 4.28
C THR C 129 0.40 33.13 2.92
N THR C 130 -0.80 33.21 2.37
CA THR C 130 -1.08 32.55 1.08
C THR C 130 -0.22 33.05 -0.09
N SER C 131 0.11 32.14 -1.00
CA SER C 131 0.87 32.44 -2.20
C SER C 131 -0.12 32.85 -3.27
N SER C 132 -1.22 32.11 -3.21
CA SER C 132 -2.34 32.28 -4.05
C SER C 132 -3.40 33.03 -3.26
N GLY C 133 -4.64 33.04 -3.74
CA GLY C 133 -5.37 34.34 -3.05
C GLY C 133 -6.45 33.34 -2.70
N ASN C 134 -6.21 32.09 -3.08
CA ASN C 134 -7.17 30.99 -2.85
C ASN C 134 -7.65 30.75 -1.43
N LEU C 135 -8.92 30.97 -1.21
CA LEU C 135 -9.50 30.79 0.11
C LEU C 135 -9.63 29.34 0.54
N HIS C 136 -9.70 28.42 -0.42
CA HIS C 136 -9.83 27.01 -0.06
C HIS C 136 -8.59 26.54 0.70
N GLY C 137 -7.59 27.42 0.81
CA GLY C 137 -6.38 27.07 1.52
C GLY C 137 -6.21 27.83 2.82
N GLN C 138 -7.25 28.55 3.22
CA GLN C 138 -7.23 29.33 4.45
C GLN C 138 -8.33 29.01 5.47
N PRO C 139 -9.23 28.07 5.13
CA PRO C 139 -10.34 27.66 6.00
C PRO C 139 -10.10 27.60 7.51
N VAL C 140 -9.06 26.87 7.90
CA VAL C 140 -8.76 26.70 9.32
C VAL C 140 -8.39 28.01 9.99
N ALA C 141 -7.74 28.90 9.25
CA ALA C 141 -7.35 30.20 9.79
C ALA C 141 -8.55 31.05 10.28
N PHE C 142 -9.67 30.97 9.55
CA PHE C 142 -10.87 31.72 9.92
C PHE C 142 -11.63 31.07 11.05
N LEU C 143 -11.25 29.85 11.43
CA LEU C 143 -11.95 29.12 12.49
C LEU C 143 -11.21 29.01 13.82
N LEU C 144 -9.90 29.19 13.77
CA LEU C 144 -9.09 29.09 14.97
C LEU C 144 -9.15 30.36 15.78
N LYS C 145 -9.37 30.18 17.07
CA LYS C 145 -9.43 31.31 17.96
C LYS C 145 -8.04 31.95 18.02
N GLU C 146 -7.04 31.11 18.25
CA GLU C 146 -5.64 31.54 18.37
C GLU C 146 -5.13 32.37 17.21
N LEU C 147 -5.88 32.38 16.12
CA LEU C 147 -5.46 33.14 14.95
C LEU C 147 -6.19 34.46 14.85
N LYS C 148 -7.14 34.66 15.75
CA LYS C 148 -7.94 35.87 15.76
C LYS C 148 -7.11 37.14 15.81
N GLY C 149 -7.28 37.98 14.80
CA GLY C 149 -6.55 39.24 14.72
C GLY C 149 -5.18 39.10 14.10
N LYS C 150 -4.72 37.87 13.94
CA LYS C 150 -3.41 37.61 13.36
C LYS C 150 -3.35 37.95 11.87
N PHE C 151 -4.46 38.47 11.35
CA PHE C 151 -4.57 38.87 9.95
C PHE C 151 -5.73 39.84 9.75
N PRO C 152 -5.60 40.75 8.77
CA PRO C 152 -6.68 41.71 8.52
C PRO C 152 -8.05 41.08 8.38
N ASP C 153 -9.07 41.85 8.71
CA ASP C 153 -10.45 41.39 8.60
C ASP C 153 -10.68 41.21 7.11
N VAL C 154 -11.58 40.30 6.74
CA VAL C 154 -11.83 40.06 5.32
C VAL C 154 -13.23 40.35 4.84
N PRO C 155 -13.33 41.11 3.74
CA PRO C 155 -14.58 41.49 3.11
C PRO C 155 -15.62 40.37 2.99
N GLY C 156 -16.44 40.20 4.02
CA GLY C 156 -17.45 39.16 3.95
C GLY C 156 -17.41 38.10 5.04
N PHE C 157 -16.30 38.05 5.76
CA PHE C 157 -16.12 37.08 6.83
C PHE C 157 -16.29 37.71 8.20
N SER C 158 -16.81 38.93 8.18
CA SER C 158 -17.07 39.66 9.40
C SER C 158 -17.86 38.80 10.38
N TRP C 159 -18.90 38.16 9.85
CA TRP C 159 -19.82 37.28 10.60
C TRP C 159 -19.22 36.03 11.28
N VAL C 160 -18.00 35.66 10.91
CA VAL C 160 -17.35 34.48 11.46
C VAL C 160 -16.78 34.72 12.85
N THR C 161 -16.93 33.73 13.72
CA THR C 161 -16.46 33.83 15.08
C THR C 161 -15.59 32.65 15.47
N PRO C 162 -14.26 32.78 15.38
CA PRO C 162 -13.35 31.68 15.74
C PRO C 162 -13.91 30.81 16.86
N CYS C 163 -14.47 29.69 16.45
CA CYS C 163 -15.13 28.73 17.31
C CYS C 163 -14.25 27.72 18.02
N ILE C 164 -13.27 27.14 17.33
CA ILE C 164 -12.42 26.15 17.96
C ILE C 164 -10.97 26.63 18.11
N SER C 165 -10.28 26.00 19.05
CA SER C 165 -8.90 26.34 19.31
C SER C 165 -8.05 25.22 18.74
N ALA C 166 -6.74 25.45 18.74
CA ALA C 166 -5.78 24.47 18.21
C ALA C 166 -5.74 23.16 19.00
N LYS C 167 -6.44 23.11 20.13
CA LYS C 167 -6.43 21.90 20.95
C LYS C 167 -7.61 21.00 20.65
N ASP C 168 -8.46 21.44 19.73
CA ASP C 168 -9.63 20.65 19.39
C ASP C 168 -9.65 20.11 17.96
N ILE C 169 -8.60 20.40 17.19
CA ILE C 169 -8.49 19.92 15.82
C ILE C 169 -7.31 18.96 15.63
N VAL C 170 -7.47 18.01 14.72
CA VAL C 170 -6.43 17.04 14.43
C VAL C 170 -6.38 16.73 12.93
N TYR C 171 -5.22 16.94 12.33
CA TYR C 171 -5.02 16.68 10.92
C TYR C 171 -4.68 15.22 10.69
N ILE C 172 -4.84 14.76 9.46
CA ILE C 172 -4.51 13.39 9.09
C ILE C 172 -4.30 13.34 7.58
N GLY C 173 -3.08 12.98 7.18
CA GLY C 173 -2.77 12.89 5.77
C GLY C 173 -1.92 14.02 5.22
N LEU C 174 -1.46 14.93 6.06
CA LEU C 174 -0.65 16.04 5.58
C LEU C 174 0.60 15.61 4.77
N ARG C 175 0.83 16.29 3.66
CA ARG C 175 1.99 15.95 2.87
C ARG C 175 2.44 17.09 1.98
N ASP C 176 1.65 18.15 1.88
CA ASP C 176 2.07 19.30 1.08
C ASP C 176 1.80 20.54 1.91
N VAL C 177 2.76 20.93 2.75
CA VAL C 177 2.58 22.08 3.62
C VAL C 177 3.47 23.25 3.29
N ASP C 178 2.88 24.44 3.23
CA ASP C 178 3.62 25.66 2.92
C ASP C 178 4.40 26.05 4.17
N PRO C 179 5.52 26.74 3.99
CA PRO C 179 6.36 27.18 5.13
C PRO C 179 5.54 27.92 6.19
N GLY C 180 4.73 28.87 5.74
CA GLY C 180 3.91 29.62 6.65
C GLY C 180 2.99 28.69 7.42
N GLU C 181 2.39 27.75 6.72
CA GLU C 181 1.50 26.80 7.35
C GLU C 181 2.24 25.95 8.39
N HIS C 182 3.46 25.52 8.06
CA HIS C 182 4.20 24.70 9.01
C HIS C 182 4.49 25.51 10.24
N TYR C 183 4.93 26.76 10.03
CA TYR C 183 5.23 27.66 11.13
C TYR C 183 4.07 27.62 12.12
N ILE C 184 2.92 28.08 11.64
CA ILE C 184 1.70 28.14 12.43
C ILE C 184 1.40 26.90 13.25
N ILE C 185 1.12 25.78 12.58
CA ILE C 185 0.77 24.55 13.28
C ILE C 185 1.79 24.14 14.34
N LYS C 186 3.06 24.47 14.10
CA LYS C 186 4.14 24.16 15.04
C LYS C 186 4.08 25.12 16.20
N THR C 187 3.77 26.38 15.89
CA THR C 187 3.67 27.44 16.88
C THR C 187 2.44 27.27 17.79
N LEU C 188 1.29 26.94 17.21
CA LEU C 188 0.08 26.74 17.99
C LEU C 188 -0.02 25.33 18.52
N GLY C 189 1.06 24.58 18.37
CA GLY C 189 1.09 23.22 18.85
C GLY C 189 -0.18 22.46 18.52
N ILE C 190 -0.45 22.32 17.22
CA ILE C 190 -1.63 21.60 16.76
C ILE C 190 -1.28 20.13 16.50
N LYS C 191 -2.11 19.24 17.02
CA LYS C 191 -1.90 17.81 16.85
C LYS C 191 -2.10 17.45 15.38
N TYR C 192 -1.29 16.54 14.87
CA TYR C 192 -1.43 16.15 13.49
C TYR C 192 -0.76 14.83 13.22
N PHE C 193 -1.10 14.22 12.10
CA PHE C 193 -0.52 12.97 11.69
C PHE C 193 -0.27 13.08 10.20
N SER C 194 0.93 13.49 9.85
CA SER C 194 1.29 13.63 8.46
C SER C 194 1.52 12.21 7.98
N MET C 195 1.64 12.02 6.66
CA MET C 195 1.85 10.67 6.15
C MET C 195 3.09 10.03 6.85
N THR C 196 4.08 10.82 7.23
CA THR C 196 5.23 10.22 7.87
C THR C 196 4.80 9.58 9.21
N GLU C 197 3.87 10.19 9.92
CA GLU C 197 3.40 9.60 11.19
C GLU C 197 2.53 8.38 10.91
N VAL C 198 1.74 8.44 9.84
CA VAL C 198 0.88 7.33 9.50
C VAL C 198 1.78 6.15 9.14
N ASP C 199 2.88 6.46 8.49
CA ASP C 199 3.85 5.44 8.07
C ASP C 199 4.44 4.76 9.28
N LYS C 200 4.83 5.58 10.24
CA LYS C 200 5.43 5.10 11.46
C LYS C 200 4.43 4.27 12.27
N LEU C 201 3.31 4.88 12.65
CA LEU C 201 2.30 4.24 13.49
C LEU C 201 1.32 3.28 12.88
N GLY C 202 0.87 3.55 11.66
CA GLY C 202 -0.13 2.69 11.05
C GLY C 202 -1.47 3.36 11.33
N ILE C 203 -2.42 3.26 10.40
CA ILE C 203 -3.70 3.92 10.59
C ILE C 203 -4.34 3.44 11.89
N GLY C 204 -4.04 2.20 12.31
CA GLY C 204 -4.61 1.68 13.54
C GLY C 204 -4.32 2.62 14.72
N LYS C 205 -3.04 2.72 15.09
CA LYS C 205 -2.61 3.57 16.19
C LYS C 205 -3.01 5.03 15.98
N VAL C 206 -2.93 5.51 14.74
CA VAL C 206 -3.28 6.90 14.46
C VAL C 206 -4.64 7.26 15.01
N MET C 207 -5.66 6.54 14.57
CA MET C 207 -7.02 6.80 15.02
C MET C 207 -7.12 6.65 16.52
N GLU C 208 -6.49 5.60 17.04
CA GLU C 208 -6.46 5.32 18.47
C GLU C 208 -5.97 6.58 19.20
N GLU C 209 -4.85 7.11 18.74
CA GLU C 209 -4.26 8.31 19.32
C GLU C 209 -5.08 9.57 19.14
N THR C 210 -5.64 9.80 17.96
CA THR C 210 -6.41 11.01 17.78
C THR C 210 -7.65 10.96 18.68
N PHE C 211 -8.22 9.78 18.85
CA PHE C 211 -9.39 9.65 19.69
C PHE C 211 -9.05 9.95 21.15
N SER C 212 -7.98 9.37 21.67
CA SER C 212 -7.62 9.65 23.05
C SER C 212 -7.36 11.16 23.17
N TYR C 213 -6.59 11.72 22.24
CA TYR C 213 -6.26 13.14 22.26
C TYR C 213 -7.47 14.06 22.24
N LEU C 214 -8.43 13.77 21.38
CA LEU C 214 -9.61 14.63 21.27
C LEU C 214 -10.79 14.23 22.15
N LEU C 215 -10.81 13.00 22.61
CA LEU C 215 -11.93 12.53 23.43
C LEU C 215 -11.52 11.88 24.75
N GLY C 216 -10.27 12.10 25.14
CA GLY C 216 -9.76 11.54 26.37
C GLY C 216 -10.56 12.01 27.57
N ARG C 217 -10.48 13.30 27.86
CA ARG C 217 -11.21 13.91 28.97
C ARG C 217 -12.72 13.84 28.77
N LYS C 218 -13.24 14.74 27.94
CA LYS C 218 -14.67 14.80 27.68
C LYS C 218 -15.00 14.19 26.32
N LYS C 219 -16.20 13.64 26.20
CA LYS C 219 -16.68 13.07 24.95
C LYS C 219 -17.49 14.18 24.27
N ARG C 220 -16.96 14.70 23.17
CA ARG C 220 -17.66 15.74 22.44
C ARG C 220 -18.09 15.31 21.03
N PRO C 221 -18.86 16.16 20.34
CA PRO C 221 -19.31 15.84 18.98
C PRO C 221 -18.14 15.91 18.03
N ILE C 222 -18.16 15.05 17.02
CA ILE C 222 -17.11 15.02 16.04
C ILE C 222 -17.54 15.60 14.71
N HIS C 223 -16.63 16.39 14.14
CA HIS C 223 -16.84 17.01 12.84
C HIS C 223 -15.76 16.49 11.89
N LEU C 224 -16.16 15.60 10.98
CA LEU C 224 -15.24 15.04 9.99
C LEU C 224 -15.22 15.87 8.71
N SER C 225 -14.16 16.61 8.50
CA SER C 225 -14.02 17.44 7.31
C SER C 225 -13.02 16.70 6.41
N PHE C 226 -13.56 15.95 5.44
CA PHE C 226 -12.77 15.13 4.52
C PHE C 226 -12.44 15.76 3.18
N ASP C 227 -11.17 16.11 2.98
CA ASP C 227 -10.76 16.66 1.70
C ASP C 227 -10.42 15.40 0.94
N VAL C 228 -11.02 15.25 -0.23
CA VAL C 228 -10.82 14.08 -1.03
C VAL C 228 -9.37 13.90 -1.46
N ASP C 229 -8.60 14.98 -1.58
CA ASP C 229 -7.21 14.82 -1.99
C ASP C 229 -6.40 14.17 -0.87
N GLY C 230 -7.10 13.81 0.21
CA GLY C 230 -6.45 13.14 1.30
C GLY C 230 -5.98 11.76 0.86
N LEU C 231 -6.72 11.12 -0.04
CA LEU C 231 -6.31 9.80 -0.52
C LEU C 231 -5.34 9.98 -1.66
N ASP C 232 -4.51 8.95 -1.89
CA ASP C 232 -3.56 9.01 -3.01
C ASP C 232 -4.29 9.21 -4.36
N PRO C 233 -3.72 10.02 -5.28
CA PRO C 233 -4.29 10.30 -6.60
C PRO C 233 -4.87 9.05 -7.27
N VAL C 234 -4.20 7.91 -7.09
CA VAL C 234 -4.62 6.62 -7.61
C VAL C 234 -6.02 6.23 -7.12
N PHE C 235 -6.63 7.00 -6.24
CA PHE C 235 -7.96 6.61 -5.75
C PHE C 235 -8.98 7.71 -5.98
N THR C 236 -8.50 8.94 -5.88
CA THR C 236 -9.32 10.13 -6.01
C THR C 236 -8.55 11.11 -6.92
N PRO C 237 -8.27 10.67 -8.15
CA PRO C 237 -7.53 11.50 -9.11
C PRO C 237 -8.20 12.79 -9.51
N ALA C 238 -9.52 12.77 -9.57
CA ALA C 238 -10.26 13.95 -9.95
C ALA C 238 -10.33 15.04 -8.87
N THR C 239 -9.21 15.70 -8.61
CA THR C 239 -9.20 16.78 -7.62
C THR C 239 -8.27 17.83 -8.12
N GLY C 240 -8.37 19.02 -7.54
CA GLY C 240 -7.57 20.13 -7.97
C GLY C 240 -6.12 20.05 -7.52
N THR C 241 -5.89 19.59 -6.30
CA THR C 241 -4.53 19.51 -5.76
C THR C 241 -3.93 18.11 -5.57
N PRO C 242 -4.00 17.24 -6.59
CA PRO C 242 -3.44 15.91 -6.38
C PRO C 242 -1.99 15.92 -5.88
N VAL C 243 -1.73 15.13 -4.85
CA VAL C 243 -0.39 15.03 -4.25
C VAL C 243 -0.12 13.55 -4.01
N VAL C 244 0.99 13.08 -4.58
CA VAL C 244 1.37 11.69 -4.48
C VAL C 244 1.73 11.19 -3.10
N GLY C 245 1.64 9.87 -2.94
CA GLY C 245 1.98 9.24 -1.68
C GLY C 245 1.03 9.53 -0.54
N GLY C 246 -0.27 9.51 -0.83
CA GLY C 246 -1.26 9.80 0.20
C GLY C 246 -1.96 8.59 0.75
N LEU C 247 -3.05 8.86 1.45
CA LEU C 247 -3.81 7.80 2.06
C LEU C 247 -4.36 6.78 1.09
N SER C 248 -4.20 5.51 1.45
CA SER C 248 -4.70 4.43 0.63
C SER C 248 -6.21 4.29 0.83
N TYR C 249 -6.90 3.73 -0.16
CA TYR C 249 -8.35 3.55 -0.08
C TYR C 249 -8.66 2.90 1.26
N ARG C 250 -7.93 1.86 1.62
CA ARG C 250 -8.19 1.18 2.89
C ARG C 250 -8.04 2.13 4.06
N GLU C 251 -6.93 2.83 4.14
CA GLU C 251 -6.70 3.76 5.22
C GLU C 251 -7.86 4.74 5.31
N GLY C 252 -8.36 5.17 4.15
CA GLY C 252 -9.46 6.10 4.11
C GLY C 252 -10.68 5.49 4.78
N LEU C 253 -11.00 4.27 4.40
CA LEU C 253 -12.14 3.59 4.96
C LEU C 253 -11.95 3.22 6.43
N TYR C 254 -10.74 2.84 6.82
CA TYR C 254 -10.51 2.49 8.21
C TYR C 254 -10.88 3.72 9.08
N ILE C 255 -10.44 4.89 8.65
CA ILE C 255 -10.72 6.11 9.37
C ILE C 255 -12.21 6.28 9.54
N THR C 256 -12.90 6.50 8.44
CA THR C 256 -14.35 6.67 8.47
C THR C 256 -15.09 5.62 9.33
N GLU C 257 -14.62 4.37 9.36
CA GLU C 257 -15.27 3.32 10.15
C GLU C 257 -15.07 3.45 11.65
N GLU C 258 -13.87 3.86 12.04
CA GLU C 258 -13.57 4.04 13.45
C GLU C 258 -14.40 5.20 13.97
N ILE C 259 -14.49 6.26 13.18
CA ILE C 259 -15.27 7.42 13.59
C ILE C 259 -16.72 7.00 13.70
N TYR C 260 -17.11 6.01 12.90
CA TYR C 260 -18.48 5.52 12.97
C TYR C 260 -18.68 4.86 14.32
N LYS C 261 -17.71 4.03 14.69
CA LYS C 261 -17.75 3.29 15.94
C LYS C 261 -17.71 4.14 17.20
N THR C 262 -17.37 5.42 17.08
CA THR C 262 -17.36 6.27 18.27
C THR C 262 -18.80 6.71 18.51
N GLY C 263 -19.57 6.75 17.44
CA GLY C 263 -20.96 7.18 17.57
C GLY C 263 -21.07 8.67 17.83
N LEU C 264 -19.95 9.36 17.73
CA LEU C 264 -19.92 10.80 17.96
C LEU C 264 -19.88 11.63 16.68
N LEU C 265 -20.26 11.04 15.54
CA LEU C 265 -20.24 11.77 14.28
C LEU C 265 -21.43 12.73 14.22
N SER C 266 -21.13 14.02 14.29
CA SER C 266 -22.16 15.05 14.28
C SER C 266 -22.24 15.75 12.91
N GLY C 267 -21.08 16.11 12.37
CA GLY C 267 -21.05 16.79 11.08
C GLY C 267 -20.03 16.15 10.16
N LEU C 268 -20.26 16.24 8.85
CA LEU C 268 -19.36 15.66 7.86
C LEU C 268 -19.21 16.56 6.64
N ASP C 269 -18.01 16.59 6.06
CA ASP C 269 -17.75 17.37 4.86
C ASP C 269 -17.11 16.45 3.83
N ILE C 270 -17.62 16.45 2.61
CA ILE C 270 -17.04 15.64 1.54
C ILE C 270 -16.70 16.68 0.52
N MET C 271 -15.46 17.15 0.55
CA MET C 271 -15.06 18.21 -0.36
C MET C 271 -14.04 17.88 -1.40
N GLU C 272 -13.91 18.85 -2.32
CA GLU C 272 -12.99 18.87 -3.44
C GLU C 272 -13.16 17.93 -4.63
N VAL C 273 -14.18 17.07 -4.62
CA VAL C 273 -14.41 16.16 -5.75
C VAL C 273 -14.76 16.99 -7.00
N ASN C 274 -13.85 17.02 -7.98
CA ASN C 274 -14.07 17.79 -9.22
C ASN C 274 -14.24 16.83 -10.40
N PRO C 275 -15.49 16.63 -10.84
CA PRO C 275 -15.77 15.73 -11.95
C PRO C 275 -15.06 16.04 -13.24
N THR C 276 -14.89 17.33 -13.50
CA THR C 276 -14.25 17.76 -14.72
C THR C 276 -12.76 17.52 -14.79
N LEU C 277 -12.13 17.19 -13.67
CA LEU C 277 -10.67 17.00 -13.70
C LEU C 277 -10.16 15.57 -13.91
N GLY C 278 -11.02 14.68 -14.39
CA GLY C 278 -10.58 13.31 -14.63
C GLY C 278 -10.07 13.10 -16.06
N LYS C 279 -8.83 12.62 -16.18
CA LYS C 279 -8.23 12.36 -17.50
C LYS C 279 -9.02 11.34 -18.29
N THR C 280 -9.69 10.44 -17.60
CA THR C 280 -10.51 9.43 -18.25
C THR C 280 -11.72 9.21 -17.38
N PRO C 281 -12.91 9.17 -17.99
CA PRO C 281 -14.16 8.97 -17.24
C PRO C 281 -13.98 8.03 -16.04
N GLU C 282 -13.10 7.04 -16.20
CA GLU C 282 -12.80 6.08 -15.15
C GLU C 282 -12.31 6.83 -13.91
N GLU C 283 -11.38 7.77 -14.14
CA GLU C 283 -10.82 8.56 -13.05
C GLU C 283 -11.90 9.30 -12.26
N VAL C 284 -12.95 9.75 -12.95
CA VAL C 284 -14.04 10.45 -12.30
C VAL C 284 -14.98 9.45 -11.60
N THR C 285 -15.25 8.34 -12.25
CA THR C 285 -16.13 7.35 -11.66
C THR C 285 -15.50 6.89 -10.36
N ARG C 286 -14.19 6.65 -10.44
CA ARG C 286 -13.37 6.18 -9.35
C ARG C 286 -13.40 7.18 -8.20
N THR C 287 -12.99 8.41 -8.46
CA THR C 287 -12.99 9.45 -7.46
C THR C 287 -14.32 9.45 -6.73
N VAL C 288 -15.39 9.73 -7.46
CA VAL C 288 -16.75 9.77 -6.90
C VAL C 288 -17.14 8.55 -6.08
N ASN C 289 -16.97 7.37 -6.66
CA ASN C 289 -17.35 6.15 -6.00
C ASN C 289 -16.75 5.99 -4.63
N THR C 290 -15.46 6.27 -4.47
CA THR C 290 -14.89 6.12 -3.14
C THR C 290 -15.43 7.24 -2.24
N ALA C 291 -15.68 8.42 -2.80
CA ALA C 291 -16.24 9.50 -1.98
C ALA C 291 -17.50 8.96 -1.33
N VAL C 292 -18.38 8.42 -2.15
CA VAL C 292 -19.60 7.86 -1.61
C VAL C 292 -19.26 6.83 -0.53
N ALA C 293 -18.32 5.96 -0.84
CA ALA C 293 -17.91 4.90 0.08
C ALA C 293 -17.49 5.45 1.44
N LEU C 294 -16.67 6.48 1.43
CA LEU C 294 -16.22 7.06 2.67
C LEU C 294 -17.44 7.52 3.47
N THR C 295 -18.41 8.06 2.76
CA THR C 295 -19.64 8.56 3.36
C THR C 295 -20.45 7.46 4.01
N LEU C 296 -20.79 6.44 3.25
CA LEU C 296 -21.57 5.32 3.76
C LEU C 296 -20.85 4.68 4.93
N SER C 297 -19.52 4.71 4.86
CA SER C 297 -18.71 4.12 5.90
C SER C 297 -19.02 4.87 7.18
N CYS C 298 -18.89 6.19 7.12
CA CYS C 298 -19.17 7.05 8.27
C CYS C 298 -20.47 6.67 8.94
N PHE C 299 -21.46 6.32 8.13
CA PHE C 299 -22.77 5.98 8.66
C PHE C 299 -23.09 4.50 8.84
N GLY C 300 -22.06 3.69 9.04
CA GLY C 300 -22.34 2.30 9.27
C GLY C 300 -21.65 1.25 8.43
N THR C 301 -21.88 1.28 7.13
CA THR C 301 -21.30 0.28 6.25
C THR C 301 -19.90 -0.16 6.67
N LYS C 302 -19.82 -1.41 7.13
CA LYS C 302 -18.55 -2.00 7.56
C LYS C 302 -17.99 -2.86 6.46
N ARG C 303 -16.67 -3.02 6.45
CA ARG C 303 -16.07 -3.85 5.43
C ARG C 303 -16.21 -5.32 5.77
N GLU C 304 -16.58 -5.60 7.01
CA GLU C 304 -16.77 -6.96 7.45
C GLU C 304 -18.20 -7.41 7.16
N GLY C 305 -19.05 -6.47 6.77
CA GLY C 305 -20.44 -6.78 6.47
C GLY C 305 -21.39 -6.25 7.51
N ASN C 306 -22.68 -6.18 7.16
CA ASN C 306 -23.72 -5.68 8.08
C ASN C 306 -25.00 -6.52 7.91
N HIS C 307 -25.70 -6.79 9.01
CA HIS C 307 -26.97 -7.53 8.93
C HIS C 307 -28.04 -6.84 9.77
N LYS C 308 -29.26 -6.82 9.26
CA LYS C 308 -30.36 -6.18 9.94
C LYS C 308 -30.76 -6.94 11.20
N PRO C 309 -30.80 -6.23 12.34
CA PRO C 309 -31.18 -6.82 13.64
C PRO C 309 -32.62 -7.35 13.70
N GLU C 310 -32.82 -8.33 14.60
CA GLU C 310 -34.11 -8.98 14.77
C GLU C 310 -34.55 -9.88 13.63
N THR C 311 -33.72 -9.94 12.59
CA THR C 311 -34.04 -10.77 11.45
C THR C 311 -33.20 -12.04 11.45
N ASP C 312 -33.89 -13.18 11.44
CA ASP C 312 -33.25 -14.48 11.41
C ASP C 312 -33.18 -14.92 9.95
N TYR C 313 -32.04 -14.68 9.33
CA TYR C 313 -31.81 -15.02 7.94
C TYR C 313 -31.83 -16.54 7.76
N LEU C 314 -31.84 -17.26 8.87
CA LEU C 314 -31.88 -18.71 8.84
C LEU C 314 -33.31 -19.19 9.05
MN MN D . -14.21 -14.10 -3.79
MN MN E . -14.65 -17.16 -3.45
N VAL F . -22.03 -13.86 -2.45
CA VAL F . -21.83 -13.37 -3.79
C VAL F . -23.00 -13.93 -4.69
O VAL F . -22.61 -14.68 -5.75
CB VAL F . -20.29 -13.51 -4.19
CG1 VAL F . -20.01 -14.19 -5.54
CG2 VAL F . -19.66 -12.13 -4.18
OXT VAL F . -24.19 -13.76 -4.45
MN MN G . 18.94 -3.68 -6.86
MN MN H . 21.86 -2.74 -6.32
N VAL I . 22.65 -10.69 -8.18
CA VAL I . 22.04 -10.24 -9.40
C VAL I . 23.00 -10.55 -10.57
O VAL I . 23.39 -9.51 -11.31
CB VAL I . 21.41 -8.80 -9.16
CG1 VAL I . 21.77 -7.73 -10.21
CG2 VAL I . 19.90 -8.94 -9.08
OXT VAL I . 23.41 -11.66 -10.83
MN MN J . -6.33 19.39 0.23
MN MN K . -8.44 21.16 1.69
N VAL L . -2.00 26.23 0.68
CA VAL L . -2.23 25.93 -0.69
C VAL L . -2.50 27.27 -1.42
O VAL L . -3.71 27.41 -2.00
CB VAL L . -3.22 24.67 -0.82
CG1 VAL L . -4.43 24.85 -1.74
CG2 VAL L . -2.44 23.45 -1.28
OXT VAL L . -1.71 28.19 -1.47
#